data_5JJM
#
_entry.id   5JJM
#
_cell.length_a   91.090
_cell.length_b   91.010
_cell.length_c   157.230
_cell.angle_alpha   90.00
_cell.angle_beta   90.07
_cell.angle_gamma   90.00
#
_symmetry.space_group_name_H-M   'C 1 2 1'
#
loop_
_entity.id
_entity.type
_entity.pdbx_description
1 polymer 'Androgen receptor'
2 polymer 'Unknown peptide'
3 polymer 'Androgen receptor'
4 polymer 'uba3-derived peptide'
5 non-polymer 5-ALPHA-DIHYDROTESTOSTERONE
6 non-polymer 'ZINC ION'
7 non-polymer 'CHLORIDE ION'
8 non-polymer 1,2-ETHANEDIOL
9 non-polymer GLYCEROL
10 non-polymer 'SULFATE ION'
11 non-polymer 'TRIETHYLENE GLYCOL'
12 non-polymer 'ACETATE ION'
13 water water
#
loop_
_entity_poly.entity_id
_entity_poly.type
_entity_poly.pdbx_seq_one_letter_code
_entity_poly.pdbx_strand_id
1 'polypeptide(L)'
;ECQPIFLNVLEAIEPGVVCAGHDNNQPDSFAALLSSLNELGERQLVHVVKWAKALPGFRNLHVDDQMAVIQYSWMGLMVF
AMGWRSFTNVNSRMLYFAPDLVFNEYRMHKSRMYSQCVRMRHLSQEFGWLQITPQEFLCMKALLLFSIIPVDGLKNQKFF
DELRMNYIKELDRIIACKRKNPTSCSRRFYQLTKLLDSVQPIARELHQFTFDLLIKSHMVSVDFPEMMAEIISVQVPKIL
SGKVKPIYFHTQ
;
A,C,D
2 'polypeptide(L)' (FME)SD M,F,K,L
3 'polypeptide(L)'
;ECQPIFLNVLEAIEPGVV(SNC)AGHDNNQPDSFAALLSSLNELGERQLVHVVKWAKALPGFRNLHVDDQMAVIQYSWMG
LMVFAMGWRSFTNVNSRMLYFAPDLVFNEYRMHKSRMYSQCVRMRHLSQEFGWLQITPQEFLCMKALLLFSIIPVDGLKN
QKFFDELRMNYIKELDRIIACKRKNPTSCSRRFYQLTKLLDSVQPIARELHQFTFDLLIKSHMVSVDFPEMMAEIISVQV
PKILSGKVKPIYFHTQ
;
B
4 'polypeptide(L)' SLQFLLDT G,H,I,J
#
loop_
_chem_comp.id
_chem_comp.type
_chem_comp.name
_chem_comp.formula
ACT non-polymer 'ACETATE ION' 'C2 H3 O2 -1'
CL non-polymer 'CHLORIDE ION' 'Cl -1'
DHT non-polymer 5-ALPHA-DIHYDROTESTOSTERONE 'C19 H30 O2'
EDO non-polymer 1,2-ETHANEDIOL 'C2 H6 O2'
GOL non-polymer GLYCEROL 'C3 H8 O3'
PGE non-polymer 'TRIETHYLENE GLYCOL' 'C6 H14 O4'
SO4 non-polymer 'SULFATE ION' 'O4 S -2'
ZN non-polymer 'ZINC ION' 'Zn 2'
#
# COMPACT_ATOMS: atom_id res chain seq x y z
N GLU A 1 46.85 -29.32 21.95
CA GLU A 1 45.81 -30.09 22.71
C GLU A 1 44.33 -29.74 22.41
N CYS A 2 44.13 -28.72 21.58
CA CYS A 2 42.85 -28.54 20.87
C CYS A 2 43.05 -28.67 19.34
N GLN A 3 44.01 -29.51 18.97
CA GLN A 3 44.09 -30.05 17.65
C GLN A 3 43.16 -31.24 17.67
N PRO A 4 42.30 -31.35 16.64
CA PRO A 4 41.18 -32.32 16.63
C PRO A 4 41.71 -33.74 16.51
N ILE A 5 41.03 -34.72 17.10
CA ILE A 5 41.49 -36.12 17.09
C ILE A 5 40.66 -37.08 16.20
N PHE A 6 39.38 -36.73 15.97
CA PHE A 6 38.54 -37.49 15.04
C PHE A 6 38.27 -36.70 13.74
N LEU A 7 38.71 -35.43 13.67
CA LEU A 7 38.34 -34.57 12.50
C LEU A 7 38.85 -35.17 11.18
N ASN A 8 40.12 -35.57 11.12
CA ASN A 8 40.65 -36.21 9.89
C ASN A 8 39.83 -37.47 9.46
N VAL A 9 39.40 -38.26 10.44
CA VAL A 9 38.55 -39.41 10.11
C VAL A 9 37.19 -38.91 9.58
N LEU A 10 36.64 -37.88 10.23
CA LEU A 10 35.32 -37.32 9.84
C LEU A 10 35.32 -36.88 8.40
N GLU A 11 36.43 -36.23 7.97
CA GLU A 11 36.64 -35.84 6.53
C GLU A 11 36.80 -36.99 5.58
N ALA A 12 37.58 -38.00 5.97
CA ALA A 12 37.82 -39.16 5.12
C ALA A 12 36.55 -40.06 4.92
N ILE A 13 35.63 -40.08 5.88
CA ILE A 13 34.44 -40.99 5.83
C ILE A 13 33.15 -40.22 5.43
N GLU A 14 33.19 -38.88 5.29
CA GLU A 14 32.01 -38.13 4.82
C GLU A 14 31.43 -38.72 3.56
N PRO A 15 30.13 -39.13 3.57
CA PRO A 15 29.67 -39.67 2.33
C PRO A 15 29.69 -38.65 1.15
N GLY A 16 29.76 -39.18 -0.05
CA GLY A 16 29.56 -38.33 -1.30
C GLY A 16 28.09 -38.02 -1.63
N VAL A 17 27.77 -37.66 -2.85
CA VAL A 17 26.52 -37.06 -3.23
C VAL A 17 25.61 -38.18 -3.77
N VAL A 18 24.37 -38.20 -3.31
CA VAL A 18 23.50 -39.27 -3.63
C VAL A 18 22.35 -38.67 -4.44
N CYS A 19 21.99 -39.27 -5.57
CA CYS A 19 20.90 -38.77 -6.44
C CYS A 19 19.62 -39.49 -6.03
N ALA A 20 18.50 -38.86 -6.27
CA ALA A 20 17.23 -39.42 -5.96
C ALA A 20 16.79 -40.32 -7.07
N GLY A 21 17.21 -40.02 -8.32
CA GLY A 21 16.79 -40.71 -9.50
C GLY A 21 15.44 -40.17 -9.89
N HIS A 22 15.13 -38.93 -9.53
CA HIS A 22 13.83 -38.34 -9.85
C HIS A 22 13.77 -37.92 -11.30
N ASP A 23 12.67 -38.23 -12.00
CA ASP A 23 12.57 -37.83 -13.44
C ASP A 23 12.00 -36.42 -13.48
N ASN A 24 12.88 -35.44 -13.62
CA ASN A 24 12.42 -34.05 -13.68
C ASN A 24 11.44 -33.66 -14.89
N ASN A 25 11.26 -34.53 -15.89
CA ASN A 25 10.23 -34.32 -16.97
C ASN A 25 8.76 -34.40 -16.48
N GLN A 26 8.56 -34.95 -15.28
CA GLN A 26 7.29 -35.26 -14.70
C GLN A 26 6.68 -34.13 -13.89
N PRO A 27 5.33 -34.19 -13.71
CA PRO A 27 4.62 -33.14 -12.98
C PRO A 27 5.05 -33.11 -11.51
N ASP A 28 5.11 -31.91 -10.93
CA ASP A 28 5.27 -31.76 -9.48
C ASP A 28 4.03 -32.27 -8.74
N SER A 29 3.72 -33.56 -8.83
CA SER A 29 2.56 -34.06 -8.08
C SER A 29 2.97 -34.48 -6.64
N PHE A 30 2.01 -34.55 -5.74
CA PHE A 30 2.34 -35.08 -4.40
C PHE A 30 2.95 -36.50 -4.52
N ALA A 31 2.31 -37.37 -5.32
CA ALA A 31 2.75 -38.79 -5.48
C ALA A 31 4.21 -38.85 -6.00
N ALA A 32 4.52 -38.15 -7.09
CA ALA A 32 5.91 -38.08 -7.66
C ALA A 32 7.03 -37.45 -6.76
N LEU A 33 6.77 -36.32 -6.12
CA LEU A 33 7.74 -35.69 -5.23
C LEU A 33 8.03 -36.62 -3.98
N LEU A 34 6.98 -37.13 -3.34
CA LEU A 34 7.17 -38.03 -2.16
C LEU A 34 7.80 -39.41 -2.42
N SER A 35 7.39 -40.06 -3.50
CA SER A 35 8.06 -41.24 -4.01
C SER A 35 9.49 -41.00 -4.22
N SER A 36 9.88 -39.86 -4.78
CA SER A 36 11.33 -39.61 -4.87
C SER A 36 11.97 -39.32 -3.59
N LEU A 37 11.35 -38.58 -2.64
CA LEU A 37 12.01 -38.28 -1.39
C LEU A 37 12.28 -39.65 -0.61
N ASN A 38 11.28 -40.55 -0.62
CA ASN A 38 11.37 -41.86 0.06
C ASN A 38 12.49 -42.67 -0.61
N GLU A 39 12.54 -42.72 -1.93
CA GLU A 39 13.64 -43.34 -2.66
C GLU A 39 15.00 -42.68 -2.21
N LEU A 40 15.06 -41.36 -2.18
CA LEU A 40 16.32 -40.69 -1.77
C LEU A 40 16.67 -41.12 -0.35
N GLY A 41 15.65 -41.16 0.51
CA GLY A 41 15.87 -41.67 1.92
C GLY A 41 16.51 -43.07 2.03
N GLU A 42 16.07 -44.00 1.19
CA GLU A 42 16.51 -45.39 1.29
C GLU A 42 17.95 -45.41 0.88
N ARG A 43 18.28 -44.62 -0.10
CA ARG A 43 19.66 -44.54 -0.62
C ARG A 43 20.58 -43.92 0.36
N GLN A 44 20.13 -42.82 0.95
CA GLN A 44 20.89 -42.17 2.05
C GLN A 44 21.14 -42.99 3.24
N LEU A 45 20.17 -43.86 3.55
CA LEU A 45 20.28 -44.77 4.70
C LEU A 45 21.45 -45.79 4.49
N VAL A 46 21.64 -46.31 3.31
CA VAL A 46 22.84 -47.13 3.04
C VAL A 46 24.15 -46.36 3.33
N HIS A 47 24.18 -45.06 2.93
CA HIS A 47 25.33 -44.25 3.27
C HIS A 47 25.46 -43.98 4.75
N VAL A 48 24.36 -43.73 5.45
CA VAL A 48 24.42 -43.40 6.88
C VAL A 48 24.96 -44.63 7.66
N VAL A 49 24.50 -45.83 7.26
CA VAL A 49 24.99 -47.10 7.95
C VAL A 49 26.53 -47.27 7.77
N LYS A 50 27.01 -47.09 6.54
CA LYS A 50 28.42 -47.26 6.27
C LYS A 50 29.29 -46.17 6.96
N TRP A 51 28.74 -44.95 7.07
CA TRP A 51 29.37 -43.85 7.75
C TRP A 51 29.35 -44.19 9.27
N ALA A 52 28.20 -44.58 9.79
CA ALA A 52 28.16 -44.75 11.22
C ALA A 52 29.13 -45.89 11.70
N LYS A 53 29.27 -46.95 10.88
CA LYS A 53 30.16 -48.05 11.12
C LYS A 53 31.59 -47.59 11.21
N ALA A 54 31.93 -46.54 10.49
CA ALA A 54 33.34 -46.13 10.28
C ALA A 54 33.61 -45.03 11.31
N LEU A 55 32.56 -44.58 12.00
CA LEU A 55 32.74 -43.47 12.97
C LEU A 55 33.50 -43.95 14.25
N PRO A 56 34.56 -43.23 14.69
CA PRO A 56 35.37 -43.76 15.81
C PRO A 56 34.49 -44.01 17.05
N GLY A 57 34.55 -45.23 17.55
CA GLY A 57 33.83 -45.65 18.71
C GLY A 57 32.47 -46.28 18.50
N PHE A 58 31.86 -46.11 17.33
CA PHE A 58 30.46 -46.49 17.16
C PHE A 58 30.40 -47.99 17.27
N ARG A 59 31.35 -48.72 16.65
CA ARG A 59 31.32 -50.20 16.68
C ARG A 59 31.60 -50.78 18.10
N ASN A 60 32.07 -49.98 19.06
CA ASN A 60 32.06 -50.48 20.48
C ASN A 60 30.67 -50.68 21.15
N LEU A 61 29.58 -50.11 20.61
CA LEU A 61 28.25 -50.23 21.21
C LEU A 61 27.78 -51.60 20.96
N HIS A 62 26.88 -52.07 21.82
CA HIS A 62 26.23 -53.34 21.57
C HIS A 62 25.64 -53.26 20.18
N VAL A 63 25.82 -54.32 19.40
CA VAL A 63 25.19 -54.40 18.04
C VAL A 63 23.71 -53.97 17.93
N ASP A 64 22.90 -54.29 18.97
CA ASP A 64 21.49 -53.87 19.11
C ASP A 64 21.32 -52.37 19.27
N ASP A 65 22.16 -51.76 20.12
CA ASP A 65 22.20 -50.31 20.28
C ASP A 65 22.66 -49.61 18.98
N GLN A 66 23.57 -50.23 18.24
CA GLN A 66 24.00 -49.71 16.92
C GLN A 66 22.79 -49.46 16.00
N MET A 67 21.96 -50.51 16.01
CA MET A 67 20.67 -50.56 15.30
C MET A 67 19.65 -49.55 15.81
N ALA A 68 19.35 -49.56 17.12
CA ALA A 68 18.48 -48.55 17.70
C ALA A 68 18.99 -47.13 17.38
N VAL A 69 20.29 -46.81 17.51
CA VAL A 69 20.63 -45.37 17.35
C VAL A 69 20.49 -44.94 15.82
N ILE A 70 20.86 -45.83 14.89
CA ILE A 70 20.67 -45.55 13.47
C ILE A 70 19.20 -45.39 13.18
N GLN A 71 18.36 -46.25 13.76
CA GLN A 71 16.93 -46.21 13.50
C GLN A 71 16.27 -45.00 14.07
N TYR A 72 16.70 -44.46 15.20
CA TYR A 72 16.01 -43.27 15.75
C TYR A 72 16.62 -41.94 15.20
N SER A 73 17.92 -41.95 14.88
CA SER A 73 18.57 -40.65 14.47
C SER A 73 18.62 -40.35 12.99
N TRP A 74 18.27 -41.28 12.10
CA TRP A 74 18.45 -41.05 10.67
C TRP A 74 17.75 -39.75 10.15
N MET A 75 16.55 -39.45 10.64
CA MET A 75 15.80 -38.30 10.21
C MET A 75 16.58 -36.99 10.49
N GLY A 76 16.99 -36.78 11.74
CA GLY A 76 17.75 -35.58 12.07
C GLY A 76 19.06 -35.46 11.32
N LEU A 77 19.77 -36.60 11.17
CA LEU A 77 21.03 -36.69 10.43
C LEU A 77 20.79 -36.25 9.00
N MET A 78 19.86 -36.86 8.29
CA MET A 78 19.67 -36.49 6.88
C MET A 78 19.10 -35.06 6.74
N VAL A 79 18.31 -34.56 7.71
CA VAL A 79 17.81 -33.16 7.69
C VAL A 79 18.94 -32.17 7.83
N PHE A 80 19.81 -32.40 8.81
CA PHE A 80 20.90 -31.51 9.03
C PHE A 80 21.88 -31.47 7.80
N ALA A 81 22.32 -32.65 7.31
CA ALA A 81 23.11 -32.76 6.14
C ALA A 81 22.52 -31.92 4.90
N MET A 82 21.25 -32.08 4.60
CA MET A 82 20.53 -31.43 3.47
C MET A 82 20.63 -29.88 3.65
N GLY A 83 20.46 -29.41 4.90
CA GLY A 83 20.53 -28.02 5.24
C GLY A 83 21.87 -27.48 4.76
N TRP A 84 22.89 -28.25 5.00
CA TRP A 84 24.28 -27.82 4.76
C TRP A 84 24.50 -27.82 3.29
N ARG A 85 24.03 -28.85 2.59
CA ARG A 85 24.12 -28.95 1.15
C ARG A 85 23.31 -27.84 0.48
N SER A 86 22.24 -27.40 1.17
CA SER A 86 21.37 -26.39 0.62
C SER A 86 22.15 -25.08 0.73
N PHE A 87 22.81 -24.88 1.83
CA PHE A 87 23.53 -23.67 2.07
C PHE A 87 24.76 -23.56 1.06
N THR A 88 25.62 -24.61 1.01
CA THR A 88 26.84 -24.59 0.16
C THR A 88 26.56 -24.48 -1.33
N ASN A 89 25.57 -25.20 -1.82
CA ASN A 89 25.29 -25.31 -3.24
C ASN A 89 24.31 -24.19 -3.86
N VAL A 90 23.34 -23.71 -3.10
CA VAL A 90 22.34 -22.76 -3.64
C VAL A 90 22.09 -21.60 -2.70
N ASN A 91 22.98 -21.39 -1.75
CA ASN A 91 22.82 -20.46 -0.64
C ASN A 91 21.46 -20.45 0.07
N SER A 92 20.89 -21.61 0.34
CA SER A 92 19.64 -21.71 1.12
C SER A 92 18.38 -21.24 0.38
N ARG A 93 18.48 -20.95 -0.92
CA ARG A 93 17.33 -20.41 -1.64
C ARG A 93 16.36 -21.55 -1.84
N MET A 94 16.84 -22.79 -1.82
CA MET A 94 15.97 -23.91 -2.11
C MET A 94 16.49 -25.06 -1.29
N LEU A 95 15.69 -26.13 -1.16
CA LEU A 95 16.05 -27.30 -0.34
C LEU A 95 16.74 -28.20 -1.34
N TYR A 96 18.02 -28.33 -1.14
CA TYR A 96 18.79 -29.13 -2.05
C TYR A 96 18.83 -30.64 -1.59
N PHE A 97 17.75 -31.39 -1.76
CA PHE A 97 17.64 -32.79 -1.34
C PHE A 97 18.66 -33.65 -2.04
N ALA A 98 18.77 -33.47 -3.38
CA ALA A 98 19.74 -34.18 -4.19
C ALA A 98 19.87 -33.27 -5.41
N PRO A 99 20.95 -33.44 -6.19
CA PRO A 99 21.11 -32.61 -7.43
C PRO A 99 19.94 -32.80 -8.42
N ASP A 100 19.35 -33.97 -8.52
CA ASP A 100 18.21 -34.14 -9.42
C ASP A 100 16.82 -33.98 -8.65
N LEU A 101 16.85 -33.45 -7.41
CA LEU A 101 15.62 -33.22 -6.64
C LEU A 101 15.73 -31.99 -5.76
N VAL A 102 15.52 -30.80 -6.35
CA VAL A 102 15.82 -29.54 -5.68
C VAL A 102 14.42 -28.95 -5.48
N PHE A 103 14.08 -28.51 -4.27
CA PHE A 103 12.73 -28.01 -4.01
C PHE A 103 12.74 -26.51 -3.91
N ASN A 104 12.04 -25.89 -4.87
CA ASN A 104 11.62 -24.50 -4.93
C ASN A 104 10.26 -24.35 -4.21
N GLU A 105 9.65 -23.14 -4.13
CA GLU A 105 8.43 -22.94 -3.29
C GLU A 105 7.22 -23.75 -3.70
N TYR A 106 7.21 -24.00 -5.00
CA TYR A 106 6.11 -24.64 -5.72
C TYR A 106 6.19 -26.11 -5.36
N ARG A 107 7.38 -26.67 -5.37
CA ARG A 107 7.53 -28.08 -4.83
C ARG A 107 7.28 -28.19 -3.36
N MET A 108 7.69 -27.19 -2.59
CA MET A 108 7.34 -27.20 -1.19
C MET A 108 5.81 -27.20 -0.95
N HIS A 109 5.01 -26.53 -1.79
CA HIS A 109 3.57 -26.48 -1.67
C HIS A 109 2.97 -27.81 -2.13
N LYS A 110 3.39 -28.31 -3.29
CA LYS A 110 2.90 -29.60 -3.80
C LYS A 110 3.28 -30.85 -2.90
N SER A 111 4.35 -30.77 -2.15
CA SER A 111 4.71 -31.89 -1.21
C SER A 111 3.80 -31.94 0.05
N ARG A 112 2.93 -30.95 0.27
CA ARG A 112 1.99 -30.86 1.37
C ARG A 112 2.74 -30.78 2.63
N MET A 113 4.01 -30.45 2.53
CA MET A 113 4.71 -30.13 3.77
C MET A 113 5.44 -28.83 3.76
N TYR A 114 4.68 -27.83 3.43
CA TYR A 114 5.19 -26.51 3.27
C TYR A 114 5.73 -25.90 4.55
N SER A 115 4.98 -25.93 5.63
CA SER A 115 5.56 -25.37 6.88
C SER A 115 6.84 -26.12 7.39
N GLN A 116 6.90 -27.45 7.26
CA GLN A 116 8.12 -28.20 7.63
C GLN A 116 9.30 -27.80 6.71
N CYS A 117 9.05 -27.59 5.41
CA CYS A 117 10.09 -27.12 4.43
C CYS A 117 10.58 -25.75 4.82
N VAL A 118 9.65 -24.92 5.31
CA VAL A 118 10.05 -23.58 5.69
C VAL A 118 10.99 -23.65 6.88
N ARG A 119 10.68 -24.59 7.77
CA ARG A 119 11.52 -24.78 8.90
C ARG A 119 12.91 -25.32 8.51
N MET A 120 12.98 -26.31 7.65
CA MET A 120 14.29 -26.72 7.06
C MET A 120 15.10 -25.57 6.38
N ARG A 121 14.38 -24.73 5.59
CA ARG A 121 15.05 -23.58 4.89
C ARG A 121 15.65 -22.67 5.89
N HIS A 122 14.92 -22.49 6.99
CA HIS A 122 15.42 -21.61 8.07
C HIS A 122 16.68 -22.23 8.68
N LEU A 123 16.65 -23.49 9.04
CA LEU A 123 17.80 -24.19 9.58
C LEU A 123 18.95 -24.00 8.53
N SER A 124 18.68 -24.25 7.25
CA SER A 124 19.71 -24.04 6.25
C SER A 124 20.36 -22.61 6.32
N GLN A 125 19.50 -21.60 6.40
CA GLN A 125 19.95 -20.16 6.49
C GLN A 125 20.79 -19.97 7.77
N GLU A 126 20.50 -20.69 8.86
CA GLU A 126 21.42 -20.53 9.99
C GLU A 126 22.92 -20.85 9.76
N PHE A 127 23.20 -21.75 8.82
CA PHE A 127 24.59 -22.07 8.53
C PHE A 127 25.37 -20.81 8.06
N GLY A 128 24.64 -19.98 7.30
CA GLY A 128 25.03 -18.61 6.83
C GLY A 128 25.01 -17.61 7.96
N TRP A 129 23.89 -17.50 8.65
CA TRP A 129 23.77 -16.54 9.76
C TRP A 129 24.79 -16.78 10.87
N LEU A 130 25.07 -18.04 11.20
CA LEU A 130 26.02 -18.37 12.30
C LEU A 130 27.43 -18.59 11.78
N GLN A 131 27.59 -18.54 10.43
CA GLN A 131 28.90 -18.69 9.77
C GLN A 131 29.46 -19.98 10.23
N ILE A 132 28.69 -21.07 10.10
CA ILE A 132 29.13 -22.44 10.55
C ILE A 132 30.31 -22.83 9.63
N THR A 133 31.43 -23.33 10.16
CA THR A 133 32.58 -23.61 9.24
C THR A 133 32.33 -25.08 8.77
N PRO A 134 33.00 -25.55 7.70
CA PRO A 134 32.87 -26.98 7.30
C PRO A 134 33.36 -27.99 8.38
N GLN A 135 34.35 -27.65 9.14
CA GLN A 135 34.85 -28.50 10.26
C GLN A 135 33.78 -28.60 11.38
N GLU A 136 33.15 -27.46 11.67
CA GLU A 136 32.12 -27.42 12.74
C GLU A 136 30.98 -28.28 12.25
N PHE A 137 30.59 -28.14 10.96
CA PHE A 137 29.52 -28.94 10.39
C PHE A 137 29.76 -30.48 10.59
N LEU A 138 30.94 -30.99 10.25
CA LEU A 138 31.18 -32.44 10.40
C LEU A 138 31.15 -32.86 11.89
N CYS A 139 31.69 -32.08 12.80
CA CYS A 139 31.55 -32.53 14.22
C CYS A 139 30.11 -32.39 14.76
N MET A 140 29.40 -31.30 14.45
CA MET A 140 27.95 -31.19 14.76
C MET A 140 27.15 -32.36 14.25
N LYS A 141 27.46 -32.79 13.06
CA LYS A 141 26.68 -33.92 12.47
C LYS A 141 26.86 -35.29 13.22
N ALA A 142 28.08 -35.64 13.50
CA ALA A 142 28.35 -36.78 14.32
C ALA A 142 27.61 -36.64 15.70
N LEU A 143 27.55 -35.45 16.30
CA LEU A 143 26.77 -35.37 17.49
C LEU A 143 25.35 -35.81 17.31
N LEU A 144 24.82 -35.68 16.08
CA LEU A 144 23.37 -35.94 15.90
C LEU A 144 23.03 -37.34 15.89
N LEU A 145 23.98 -38.16 15.53
CA LEU A 145 23.93 -39.64 15.76
C LEU A 145 23.59 -40.00 17.22
N PHE A 146 24.13 -39.22 18.17
CA PHE A 146 24.01 -39.46 19.62
C PHE A 146 23.02 -38.58 20.32
N SER A 147 21.89 -38.33 19.70
CA SER A 147 21.04 -37.28 20.28
C SER A 147 19.62 -37.72 20.43
N ILE A 148 19.33 -39.00 20.25
CA ILE A 148 18.00 -39.56 20.51
C ILE A 148 18.04 -41.08 20.88
N ILE A 149 17.50 -41.41 22.09
CA ILE A 149 17.62 -42.78 22.76
C ILE A 149 16.34 -43.21 23.56
N PRO A 150 16.12 -44.53 23.80
CA PRO A 150 14.92 -44.75 24.68
C PRO A 150 14.99 -44.11 26.08
N VAL A 151 13.86 -43.60 26.55
CA VAL A 151 13.70 -43.17 27.95
C VAL A 151 14.25 -44.20 28.94
N ASP A 152 14.06 -45.49 28.66
CA ASP A 152 14.59 -46.54 29.55
C ASP A 152 16.10 -46.80 29.39
N GLY A 153 16.79 -46.10 28.46
CA GLY A 153 18.21 -46.40 28.09
C GLY A 153 18.37 -47.51 27.07
N LEU A 154 19.58 -47.62 26.53
CA LEU A 154 20.04 -48.72 25.64
C LEU A 154 20.72 -49.84 26.43
N LYS A 155 21.10 -50.97 25.78
CA LYS A 155 21.79 -52.11 26.48
C LYS A 155 23.05 -51.68 27.20
N ASN A 156 23.88 -50.90 26.51
N ASN A 156 24.00 -51.03 26.53
CA ASN A 156 25.13 -50.39 27.07
CA ASN A 156 25.07 -50.45 27.36
C ASN A 156 25.06 -48.87 27.24
C ASN A 156 25.10 -48.92 27.31
N GLN A 157 24.11 -48.39 28.08
CA GLN A 157 23.89 -46.92 28.28
C GLN A 157 25.12 -46.15 28.61
N LYS A 158 25.98 -46.70 29.46
CA LYS A 158 27.11 -45.90 29.94
C LYS A 158 28.14 -45.82 28.85
N PHE A 159 28.22 -46.84 28.03
CA PHE A 159 29.06 -46.64 26.94
C PHE A 159 28.53 -45.53 25.94
N PHE A 160 27.26 -45.54 25.58
CA PHE A 160 26.72 -44.50 24.69
C PHE A 160 27.03 -43.08 25.22
N ASP A 161 26.89 -42.90 26.56
CA ASP A 161 27.20 -41.67 27.30
C ASP A 161 28.60 -41.20 27.11
N GLU A 162 29.52 -42.13 27.24
CA GLU A 162 30.95 -41.88 27.05
C GLU A 162 31.24 -41.43 25.57
N LEU A 163 30.59 -42.06 24.61
CA LEU A 163 30.89 -41.69 23.20
C LEU A 163 30.32 -40.36 22.88
N ARG A 164 29.09 -40.12 23.33
CA ARG A 164 28.49 -38.79 23.20
C ARG A 164 29.43 -37.63 23.69
N MET A 165 29.98 -37.78 24.90
CA MET A 165 30.87 -36.81 25.52
C MET A 165 32.13 -36.58 24.68
N ASN A 166 32.65 -37.62 24.06
CA ASN A 166 33.88 -37.56 23.27
C ASN A 166 33.57 -36.74 22.01
N TYR A 167 32.36 -36.84 21.46
CA TYR A 167 31.97 -36.00 20.31
C TYR A 167 31.70 -34.55 20.70
N ILE A 168 31.22 -34.32 21.94
CA ILE A 168 31.03 -32.95 22.49
C ILE A 168 32.44 -32.36 22.66
N LYS A 169 33.36 -33.18 23.20
CA LYS A 169 34.69 -32.70 23.36
C LYS A 169 35.44 -32.44 22.03
N GLU A 170 35.20 -33.26 21.02
CA GLU A 170 35.79 -32.97 19.70
C GLU A 170 35.23 -31.68 19.08
N LEU A 171 33.96 -31.39 19.26
CA LEU A 171 33.40 -30.19 18.66
C LEU A 171 34.05 -29.04 19.45
N ASP A 172 34.26 -29.23 20.76
CA ASP A 172 34.95 -28.24 21.48
C ASP A 172 36.42 -27.95 21.01
N ARG A 173 37.16 -29.00 20.60
CA ARG A 173 38.51 -28.72 20.05
C ARG A 173 38.46 -27.86 18.76
N ILE A 174 37.48 -28.15 17.93
CA ILE A 174 37.29 -27.41 16.66
C ILE A 174 36.91 -25.94 16.88
N ILE A 175 36.14 -25.68 17.95
CA ILE A 175 35.80 -24.34 18.40
C ILE A 175 37.01 -23.57 18.93
N ALA A 176 37.80 -24.23 19.82
CA ALA A 176 38.85 -23.59 20.61
C ALA A 176 40.10 -23.23 19.80
N CYS A 177 40.32 -23.98 18.71
CA CYS A 177 41.39 -23.77 17.69
C CYS A 177 41.79 -22.33 17.33
N LYS A 178 40.84 -21.64 16.73
CA LYS A 178 41.02 -20.35 16.13
C LYS A 178 40.41 -19.30 17.06
N ARG A 179 40.28 -19.66 18.36
CA ARG A 179 39.79 -18.75 19.41
C ARG A 179 40.77 -18.59 20.58
N LYS A 180 41.05 -17.36 20.97
CA LYS A 180 42.08 -17.06 21.97
C LYS A 180 41.50 -16.65 23.31
N ASN A 181 40.29 -16.14 23.31
CA ASN A 181 39.73 -15.60 24.53
C ASN A 181 39.06 -16.75 25.33
N PRO A 182 39.37 -16.86 26.65
CA PRO A 182 38.87 -18.01 27.40
C PRO A 182 37.34 -18.24 27.21
N THR A 183 36.52 -17.22 27.39
CA THR A 183 35.08 -17.29 27.39
C THR A 183 34.39 -17.53 26.06
N SER A 184 35.09 -17.33 24.98
CA SER A 184 34.49 -17.36 23.61
C SER A 184 34.06 -18.73 23.19
N CYS A 185 34.81 -19.78 23.58
CA CYS A 185 34.41 -21.15 23.22
C CYS A 185 33.07 -21.62 23.70
N SER A 186 32.77 -21.39 24.97
CA SER A 186 31.48 -21.82 25.47
C SER A 186 30.38 -20.97 24.81
N ARG A 187 30.67 -19.71 24.48
CA ARG A 187 29.62 -18.90 23.78
C ARG A 187 29.31 -19.44 22.32
N ARG A 188 30.36 -19.77 21.57
CA ARG A 188 30.18 -20.42 20.25
C ARG A 188 29.44 -21.79 20.41
N PHE A 189 29.78 -22.54 21.51
CA PHE A 189 29.26 -23.95 21.70
C PHE A 189 27.77 -23.81 21.93
N TYR A 190 27.44 -22.84 22.81
CA TYR A 190 26.06 -22.56 23.11
C TYR A 190 25.27 -22.24 21.78
N GLN A 191 25.74 -21.31 20.96
CA GLN A 191 25.05 -21.04 19.63
C GLN A 191 24.98 -22.30 18.75
N LEU A 192 26.02 -23.15 18.71
CA LEU A 192 26.01 -24.39 17.91
C LEU A 192 24.97 -25.47 18.35
N THR A 193 24.90 -25.66 19.68
CA THR A 193 23.99 -26.65 20.26
C THR A 193 22.54 -26.20 20.30
N LYS A 194 22.34 -24.87 20.34
CA LYS A 194 20.99 -24.31 20.12
C LYS A 194 20.62 -24.74 18.71
N LEU A 195 21.55 -24.56 17.76
CA LEU A 195 21.23 -25.03 16.43
C LEU A 195 20.88 -26.53 16.36
N LEU A 196 21.70 -27.40 17.01
CA LEU A 196 21.41 -28.86 17.00
C LEU A 196 20.06 -29.22 17.62
N ASP A 197 19.74 -28.59 18.78
CA ASP A 197 18.38 -28.73 19.38
C ASP A 197 17.23 -28.34 18.47
N SER A 198 17.40 -27.30 17.61
CA SER A 198 16.27 -26.92 16.70
C SER A 198 16.10 -27.98 15.54
N VAL A 199 17.09 -28.84 15.26
CA VAL A 199 16.86 -30.02 14.44
C VAL A 199 15.73 -30.96 15.04
N GLN A 200 15.66 -31.12 16.37
CA GLN A 200 14.76 -32.11 17.04
C GLN A 200 13.27 -31.91 16.80
N PRO A 201 12.72 -30.68 16.96
CA PRO A 201 11.28 -30.59 16.64
C PRO A 201 10.95 -30.73 15.11
N ILE A 202 11.93 -30.41 14.22
CA ILE A 202 11.73 -30.62 12.79
C ILE A 202 11.65 -32.13 12.48
N ALA A 203 12.65 -32.87 12.98
CA ALA A 203 12.69 -34.35 12.86
C ALA A 203 11.36 -34.97 13.45
N ARG A 204 10.87 -34.45 14.57
CA ARG A 204 9.59 -34.94 15.13
C ARG A 204 8.31 -34.70 14.24
N GLU A 205 8.12 -33.44 13.74
CA GLU A 205 7.10 -33.15 12.70
C GLU A 205 7.31 -34.03 11.45
N LEU A 206 8.56 -34.30 11.01
CA LEU A 206 8.71 -35.18 9.80
C LEU A 206 8.38 -36.67 10.17
N HIS A 207 8.71 -37.09 11.37
CA HIS A 207 8.30 -38.49 11.86
C HIS A 207 6.76 -38.67 11.84
N GLN A 208 6.05 -37.76 12.47
CA GLN A 208 4.56 -37.73 12.43
C GLN A 208 4.06 -37.80 10.97
N PHE A 209 4.56 -36.86 10.19
CA PHE A 209 4.16 -36.78 8.76
C PHE A 209 4.47 -38.11 8.02
N THR A 210 5.65 -38.72 8.14
CA THR A 210 5.94 -39.83 7.24
C THR A 210 5.15 -41.10 7.77
N PHE A 211 4.88 -41.12 9.08
CA PHE A 211 4.21 -42.27 9.70
C PHE A 211 2.77 -42.21 9.12
N ASP A 212 2.16 -41.02 9.20
CA ASP A 212 0.77 -40.72 8.74
C ASP A 212 0.60 -41.00 7.30
N LEU A 213 1.64 -40.68 6.50
CA LEU A 213 1.71 -41.02 5.06
C LEU A 213 1.99 -42.48 4.71
N LEU A 214 2.87 -43.12 5.46
CA LEU A 214 3.09 -44.52 5.17
C LEU A 214 1.74 -45.41 5.32
N ILE A 215 0.94 -45.13 6.33
CA ILE A 215 -0.23 -46.02 6.63
C ILE A 215 -1.36 -45.68 5.64
N LYS A 216 -1.24 -44.55 4.90
CA LYS A 216 -2.25 -44.28 3.87
C LYS A 216 -1.65 -44.31 2.46
N SER A 217 -0.37 -44.69 2.33
CA SER A 217 0.38 -44.46 1.08
C SER A 217 -0.15 -45.09 -0.17
N HIS A 218 -0.74 -46.27 -0.04
CA HIS A 218 -1.53 -46.92 -1.12
C HIS A 218 -2.72 -46.06 -1.65
N MET A 219 -3.36 -45.29 -0.80
CA MET A 219 -4.51 -44.41 -1.14
C MET A 219 -4.10 -43.26 -2.00
N VAL A 220 -2.82 -42.85 -1.91
CA VAL A 220 -2.33 -41.62 -2.57
C VAL A 220 -1.17 -41.84 -3.57
N SER A 221 -0.91 -43.12 -3.98
CA SER A 221 0.09 -43.47 -4.96
C SER A 221 1.51 -43.09 -4.51
N VAL A 222 1.82 -43.18 -3.22
CA VAL A 222 3.18 -42.87 -2.74
C VAL A 222 3.87 -44.18 -2.46
N ASP A 223 4.99 -44.41 -3.14
CA ASP A 223 5.85 -45.59 -2.96
C ASP A 223 6.88 -45.48 -1.85
N PHE A 224 6.82 -46.35 -0.85
CA PHE A 224 7.87 -46.45 0.19
C PHE A 224 8.75 -47.68 -0.06
N PRO A 225 10.07 -47.51 -0.32
CA PRO A 225 10.97 -48.67 -0.43
C PRO A 225 11.01 -49.55 0.86
N GLU A 226 11.32 -50.85 0.74
CA GLU A 226 11.12 -51.77 1.86
C GLU A 226 11.84 -51.42 3.18
N MET A 227 13.10 -51.08 3.10
CA MET A 227 13.89 -50.73 4.33
C MET A 227 13.26 -49.53 5.12
N MET A 228 12.98 -48.45 4.38
CA MET A 228 12.26 -47.30 4.91
C MET A 228 10.88 -47.66 5.54
N ALA A 229 10.09 -48.45 4.82
CA ALA A 229 8.75 -48.91 5.30
C ALA A 229 8.93 -49.62 6.63
N GLU A 230 9.97 -50.46 6.71
CA GLU A 230 10.15 -51.29 7.86
C GLU A 230 10.47 -50.42 9.07
N ILE A 231 11.48 -49.53 8.94
CA ILE A 231 11.96 -48.67 10.05
C ILE A 231 10.82 -47.75 10.50
N ILE A 232 10.08 -47.18 9.54
CA ILE A 232 8.99 -46.24 9.90
C ILE A 232 7.75 -46.91 10.55
N SER A 233 7.33 -48.04 10.00
CA SER A 233 6.14 -48.80 10.58
C SER A 233 6.40 -49.23 12.05
N VAL A 234 7.59 -49.76 12.37
CA VAL A 234 7.92 -50.26 13.72
C VAL A 234 8.51 -49.19 14.66
N GLN A 235 9.46 -48.42 14.15
CA GLN A 235 10.28 -47.59 15.05
C GLN A 235 9.65 -46.22 15.38
N VAL A 236 9.06 -45.59 14.35
CA VAL A 236 8.56 -44.27 14.49
C VAL A 236 7.44 -44.17 15.53
N PRO A 237 6.52 -45.20 15.62
CA PRO A 237 5.55 -45.14 16.72
C PRO A 237 6.18 -45.06 18.11
N LYS A 238 7.39 -45.61 18.28
CA LYS A 238 8.06 -45.51 19.56
C LYS A 238 8.46 -44.07 19.86
N ILE A 239 8.72 -43.29 18.82
CA ILE A 239 9.16 -41.89 19.01
C ILE A 239 7.91 -41.07 19.26
N LEU A 240 6.85 -41.39 18.53
CA LEU A 240 5.55 -40.67 18.72
C LEU A 240 4.87 -40.93 20.10
N SER A 241 5.02 -42.13 20.66
CA SER A 241 4.46 -42.44 21.98
C SER A 241 5.36 -41.87 23.15
N GLY A 242 6.55 -41.33 22.84
CA GLY A 242 7.49 -40.91 23.89
C GLY A 242 8.28 -42.01 24.63
N LYS A 243 8.26 -43.24 24.12
CA LYS A 243 9.23 -44.26 24.50
C LYS A 243 10.72 -43.94 24.14
N VAL A 244 10.95 -43.09 23.12
CA VAL A 244 12.25 -42.76 22.63
C VAL A 244 12.19 -41.25 22.57
N LYS A 245 13.17 -40.56 23.17
CA LYS A 245 13.19 -39.09 23.17
C LYS A 245 14.56 -38.53 22.85
N PRO A 246 14.59 -37.27 22.38
CA PRO A 246 15.85 -36.56 22.06
C PRO A 246 16.55 -36.24 23.30
N ILE A 247 17.88 -36.17 23.24
CA ILE A 247 18.66 -35.56 24.33
C ILE A 247 18.86 -34.07 23.97
N TYR A 248 18.16 -33.16 24.66
CA TYR A 248 18.34 -31.71 24.44
C TYR A 248 19.58 -31.14 25.10
N PHE A 249 20.36 -30.34 24.39
CA PHE A 249 21.40 -29.58 25.09
C PHE A 249 20.93 -28.48 26.05
N HIS A 250 19.74 -27.90 25.82
CA HIS A 250 19.09 -26.87 26.66
C HIS A 250 17.59 -27.12 26.88
N THR A 251 17.06 -26.71 28.04
CA THR A 251 15.61 -26.82 28.32
C THR A 251 14.82 -26.07 27.25
N GLN A 252 13.61 -26.56 26.96
CA GLN A 252 12.93 -26.32 25.69
C GLN A 252 11.55 -25.63 25.70
N FME B 1 41.14 -21.10 26.85
CN FME B 1 41.34 -20.32 25.78
O1 FME B 1 40.81 -20.23 24.65
CA FME B 1 40.38 -22.30 27.42
CB FME B 1 38.85 -22.58 27.35
CG FME B 1 38.45 -24.05 27.12
SD FME B 1 37.24 -24.38 25.86
CE FME B 1 38.02 -24.83 24.39
C FME B 1 41.20 -23.56 27.24
O FME B 1 41.51 -24.21 28.24
N SER B 2 41.57 -23.91 26.01
CA SER B 2 42.62 -24.91 25.77
C SER B 2 43.39 -24.41 24.57
N ASP B 3 44.65 -24.83 24.43
CA ASP B 3 45.44 -24.67 23.17
C ASP B 3 45.94 -26.00 22.61
N CYS C 2 -14.66 8.54 12.84
CA CYS C 2 -14.08 7.36 12.11
C CYS C 2 -13.57 7.48 10.67
N GLN C 3 -14.28 8.21 9.82
CA GLN C 3 -13.84 8.37 8.43
C GLN C 3 -12.94 9.60 8.27
N PRO C 4 -11.81 9.43 7.51
CA PRO C 4 -10.76 10.49 7.41
C PRO C 4 -11.32 11.87 7.13
N ILE C 5 -10.71 12.88 7.67
CA ILE C 5 -11.15 14.19 7.38
C ILE C 5 -10.09 14.95 6.54
N PHE C 6 -8.82 14.53 6.62
CA PHE C 6 -7.71 15.21 5.86
C PHE C 6 -7.15 14.35 4.73
N LEU C 7 -7.55 13.07 4.69
CA LEU C 7 -6.93 12.10 3.78
C LEU C 7 -7.11 12.54 2.36
N ASN C 8 -8.28 13.09 2.02
CA ASN C 8 -8.58 13.46 0.63
C ASN C 8 -7.62 14.62 0.15
N VAL C 9 -7.38 15.58 1.03
CA VAL C 9 -6.43 16.65 0.79
C VAL C 9 -4.99 16.11 0.68
N LEU C 10 -4.55 15.29 1.63
CA LEU C 10 -3.22 14.71 1.58
C LEU C 10 -2.90 14.03 0.25
N GLU C 11 -3.84 13.26 -0.27
CA GLU C 11 -3.77 12.65 -1.60
C GLU C 11 -3.63 13.66 -2.79
N ALA C 12 -4.46 14.70 -2.79
CA ALA C 12 -4.49 15.66 -3.84
C ALA C 12 -3.26 16.57 -3.77
N ILE C 13 -2.58 16.75 -2.62
CA ILE C 13 -1.45 17.71 -2.61
C ILE C 13 -0.12 16.96 -2.59
N GLU C 14 -0.17 15.59 -2.45
CA GLU C 14 1.10 14.84 -2.50
C GLU C 14 1.97 15.25 -3.73
N PRO C 15 3.25 15.60 -3.52
CA PRO C 15 3.93 15.97 -4.73
C PRO C 15 4.21 14.80 -5.70
N GLY C 16 4.53 15.12 -6.96
CA GLY C 16 5.04 14.05 -7.83
C GLY C 16 6.57 13.80 -7.77
N VAL C 17 7.11 13.24 -8.84
CA VAL C 17 8.44 12.70 -8.87
C VAL C 17 9.44 13.78 -9.21
N VAL C 18 10.41 13.90 -8.36
CA VAL C 18 11.38 14.85 -8.55
C VAL C 18 12.55 14.00 -9.06
N SNC C 19 13.39 14.56 -10.22
CA SNC C 19 14.65 14.01 -10.81
CB SNC C 19 14.52 14.01 -12.38
SG SNC C 19 14.28 12.30 -13.12
ND SNC C 19 12.81 12.12 -13.83
OE SNC C 19 12.74 11.37 -14.82
C SNC C 19 15.74 14.86 -10.19
O SNC C 19 15.54 16.09 -9.94
N ALA C 20 16.90 14.25 -9.96
CA ALA C 20 18.08 14.91 -9.37
C ALA C 20 18.77 15.74 -10.41
N GLY C 21 18.72 15.28 -11.66
CA GLY C 21 19.53 15.87 -12.75
C GLY C 21 20.93 15.26 -12.80
N HIS C 22 21.11 14.04 -12.27
CA HIS C 22 22.41 13.39 -12.23
C HIS C 22 22.79 12.84 -13.59
N ASP C 23 24.06 13.09 -13.97
CA ASP C 23 24.63 12.46 -15.20
C ASP C 23 25.09 11.01 -14.91
N ASN C 24 24.23 10.05 -15.22
CA ASN C 24 24.67 8.69 -15.05
C ASN C 24 25.91 8.25 -15.94
N ASN C 25 26.48 9.11 -16.78
CA ASN C 25 27.80 8.79 -17.42
C ASN C 25 29.00 9.06 -16.52
N GLN C 26 28.82 9.94 -15.53
CA GLN C 26 29.87 10.33 -14.60
C GLN C 26 30.24 9.14 -13.73
N PRO C 27 31.55 8.97 -13.42
CA PRO C 27 31.95 7.92 -12.44
C PRO C 27 31.28 8.11 -11.06
N ASP C 28 31.12 7.03 -10.32
CA ASP C 28 30.57 7.13 -8.97
C ASP C 28 31.57 7.75 -7.97
N SER C 29 31.82 9.03 -8.08
CA SER C 29 32.77 9.56 -7.15
C SER C 29 31.98 10.22 -5.99
N PHE C 30 32.64 10.38 -4.84
CA PHE C 30 32.04 11.11 -3.75
C PHE C 30 31.50 12.45 -4.28
N ALA C 31 32.38 13.25 -4.95
CA ALA C 31 32.05 14.56 -5.41
C ALA C 31 30.74 14.55 -6.24
N ALA C 32 30.69 13.71 -7.25
CA ALA C 32 29.56 13.65 -8.20
C ALA C 32 28.26 13.16 -7.50
N LEU C 33 28.40 12.15 -6.65
CA LEU C 33 27.19 11.57 -6.02
C LEU C 33 26.59 12.60 -5.02
N LEU C 34 27.41 13.22 -4.22
CA LEU C 34 26.91 14.13 -3.20
C LEU C 34 26.35 15.44 -3.74
N SER C 35 27.01 15.91 -4.81
CA SER C 35 26.54 17.07 -5.52
C SER C 35 25.19 16.84 -6.07
N SER C 36 24.92 15.66 -6.67
CA SER C 36 23.59 15.37 -7.20
C SER C 36 22.58 15.20 -6.08
N LEU C 37 22.99 14.64 -4.90
CA LEU C 37 22.10 14.50 -3.70
C LEU C 37 21.74 15.90 -3.19
N ASN C 38 22.68 16.85 -3.08
CA ASN C 38 22.40 18.18 -2.60
C ASN C 38 21.41 18.92 -3.60
N GLU C 39 21.66 18.78 -4.91
CA GLU C 39 20.78 19.29 -5.93
C GLU C 39 19.36 18.71 -5.77
N LEU C 40 19.22 17.41 -5.53
CA LEU C 40 17.87 16.82 -5.39
C LEU C 40 17.23 17.42 -4.15
N GLY C 41 18.02 17.55 -3.06
CA GLY C 41 17.47 18.15 -1.84
C GLY C 41 16.91 19.55 -2.10
N GLU C 42 17.56 20.31 -2.97
CA GLU C 42 17.21 21.72 -3.24
C GLU C 42 15.88 21.66 -3.96
N ARG C 43 15.77 20.78 -4.95
CA ARG C 43 14.52 20.59 -5.74
C ARG C 43 13.37 20.07 -4.89
N GLN C 44 13.67 19.11 -4.01
CA GLN C 44 12.60 18.54 -3.08
C GLN C 44 12.11 19.55 -2.08
N LEU C 45 13.00 20.42 -1.63
CA LEU C 45 12.67 21.44 -0.69
C LEU C 45 11.61 22.40 -1.28
N VAL C 46 11.74 22.75 -2.56
CA VAL C 46 10.66 23.56 -3.21
C VAL C 46 9.30 22.84 -3.10
N HIS C 47 9.30 21.52 -3.37
CA HIS C 47 8.10 20.72 -3.22
C HIS C 47 7.59 20.63 -1.76
N VAL C 48 8.51 20.51 -0.79
CA VAL C 48 8.13 20.46 0.66
C VAL C 48 7.41 21.76 1.10
N VAL C 49 7.87 22.92 0.61
CA VAL C 49 7.20 24.16 0.94
C VAL C 49 5.78 24.30 0.30
N LYS C 50 5.58 23.95 -0.96
CA LYS C 50 4.26 24.01 -1.58
C LYS C 50 3.25 23.09 -0.79
N TRP C 51 3.76 21.88 -0.43
CA TRP C 51 3.06 20.83 0.26
C TRP C 51 2.68 21.33 1.63
N ALA C 52 3.65 21.77 2.43
CA ALA C 52 3.34 22.17 3.81
C ALA C 52 2.26 23.32 3.81
N LYS C 53 2.34 24.24 2.84
CA LYS C 53 1.51 25.42 2.85
C LYS C 53 0.13 24.97 2.47
N ALA C 54 0.00 23.82 1.81
CA ALA C 54 -1.31 23.33 1.37
C ALA C 54 -1.85 22.34 2.45
N LEU C 55 -1.06 21.97 3.46
CA LEU C 55 -1.49 21.00 4.52
C LEU C 55 -2.52 21.67 5.48
N PRO C 56 -3.76 21.10 5.63
CA PRO C 56 -4.80 21.73 6.48
C PRO C 56 -4.22 22.11 7.84
N GLY C 57 -4.48 23.36 8.21
CA GLY C 57 -3.99 24.02 9.42
C GLY C 57 -2.59 24.66 9.40
N PHE C 58 -1.74 24.34 8.41
CA PHE C 58 -0.37 24.68 8.54
C PHE C 58 -0.26 26.19 8.49
N ARG C 59 -1.00 26.86 7.60
CA ARG C 59 -0.89 28.30 7.55
C ARG C 59 -1.48 29.03 8.74
N ASN C 60 -2.20 28.38 9.63
CA ASN C 60 -2.49 29.11 10.85
C ASN C 60 -1.26 29.41 11.77
N LEU C 61 -0.08 28.85 11.48
CA LEU C 61 1.05 29.00 12.43
C LEU C 61 1.55 30.35 12.12
N HIS C 62 2.09 31.02 13.12
CA HIS C 62 2.83 32.28 12.88
C HIS C 62 3.81 31.98 11.78
N VAL C 63 3.95 32.85 10.80
CA VAL C 63 4.84 32.51 9.66
C VAL C 63 6.31 32.23 10.04
N ASP C 64 6.75 32.72 11.23
CA ASP C 64 8.11 32.44 11.77
C ASP C 64 8.21 31.00 12.22
N ASP C 65 7.13 30.51 12.82
CA ASP C 65 6.93 29.11 13.09
C ASP C 65 6.87 28.20 11.84
N GLN C 66 6.17 28.66 10.80
CA GLN C 66 6.16 28.00 9.48
C GLN C 66 7.56 27.70 8.95
N MET C 67 8.39 28.75 8.92
CA MET C 67 9.82 28.66 8.59
C MET C 67 10.62 27.70 9.51
N ALA C 68 10.58 27.92 10.83
CA ALA C 68 11.29 26.97 11.72
C ALA C 68 10.81 25.54 11.42
N VAL C 69 9.50 25.27 11.30
CA VAL C 69 9.17 23.83 11.24
C VAL C 69 9.72 23.23 9.95
N ILE C 70 9.65 23.95 8.85
CA ILE C 70 10.15 23.41 7.60
C ILE C 70 11.64 23.21 7.74
N GLN C 71 12.33 24.18 8.33
CA GLN C 71 13.80 24.15 8.32
C GLN C 71 14.31 23.02 9.24
N TYR C 72 13.52 22.61 10.24
CA TYR C 72 13.98 21.57 11.16
C TYR C 72 13.59 20.15 10.67
N SER C 73 12.47 20.05 9.93
CA SER C 73 11.84 18.77 9.71
C SER C 73 12.05 18.26 8.32
N TRP C 74 12.68 19.04 7.45
CA TRP C 74 12.81 18.48 6.10
C TRP C 74 13.67 17.19 5.98
N MET C 75 14.69 16.99 6.78
CA MET C 75 15.54 15.81 6.56
C MET C 75 14.70 14.51 6.81
N GLY C 76 14.06 14.44 7.97
CA GLY C 76 13.08 13.37 8.26
C GLY C 76 12.00 13.14 7.24
N LEU C 77 11.27 14.19 6.86
CA LEU C 77 10.30 14.11 5.74
C LEU C 77 10.83 13.48 4.47
N MET C 78 11.94 14.01 4.01
CA MET C 78 12.50 13.49 2.74
C MET C 78 13.08 12.04 2.90
N VAL C 79 13.66 11.72 4.06
CA VAL C 79 14.24 10.40 4.22
C VAL C 79 13.05 9.45 4.23
N PHE C 80 11.95 9.84 4.92
CA PHE C 80 10.82 8.94 5.07
C PHE C 80 10.15 8.78 3.70
N ALA C 81 9.99 9.90 2.95
CA ALA C 81 9.39 9.79 1.63
C ALA C 81 10.29 8.83 0.73
N MET C 82 11.59 8.95 0.91
CA MET C 82 12.53 8.15 0.09
C MET C 82 12.38 6.67 0.40
N GLY C 83 12.13 6.29 1.68
CA GLY C 83 12.15 4.88 1.89
C GLY C 83 10.89 4.32 1.29
N TRP C 84 9.83 5.10 1.27
CA TRP C 84 8.54 4.65 0.64
C TRP C 84 8.63 4.43 -0.82
N ARG C 85 9.22 5.42 -1.51
CA ARG C 85 9.58 5.27 -2.91
C ARG C 85 10.50 4.09 -3.18
N SER C 86 11.41 3.78 -2.24
CA SER C 86 12.35 2.65 -2.55
C SER C 86 11.54 1.34 -2.45
N PHE C 87 10.64 1.33 -1.50
CA PHE C 87 9.71 0.17 -1.34
C PHE C 87 8.82 -0.06 -2.56
N THR C 88 7.94 0.92 -2.92
CA THR C 88 6.98 0.83 -4.05
C THR C 88 7.64 0.62 -5.39
N ASN C 89 8.75 1.29 -5.64
CA ASN C 89 9.36 1.16 -6.96
C ASN C 89 10.44 0.02 -7.02
N VAL C 90 11.24 -0.24 -5.97
CA VAL C 90 12.29 -1.28 -6.14
C VAL C 90 12.31 -2.34 -4.98
N ASN C 91 11.23 -2.42 -4.19
CA ASN C 91 11.12 -3.37 -3.14
C ASN C 91 12.33 -3.26 -2.20
N SER C 92 12.76 -2.02 -1.98
CA SER C 92 13.80 -1.70 -1.01
C SER C 92 15.16 -2.31 -1.38
N ARG C 93 15.38 -2.89 -2.53
CA ARG C 93 16.72 -3.42 -2.87
C ARG C 93 17.73 -2.23 -3.08
N MET C 94 17.23 -1.03 -3.26
CA MET C 94 18.17 0.08 -3.52
C MET C 94 17.51 1.32 -2.94
N LEU C 95 18.29 2.38 -2.69
CA LEU C 95 17.73 3.64 -2.21
C LEU C 95 17.32 4.40 -3.44
N TYR C 96 16.02 4.39 -3.69
CA TYR C 96 15.47 5.12 -4.84
C TYR C 96 15.38 6.67 -4.57
N PHE C 97 16.49 7.41 -4.51
CA PHE C 97 16.46 8.86 -4.27
C PHE C 97 15.65 9.65 -5.27
N ALA C 98 15.85 9.30 -6.55
CA ALA C 98 15.20 9.94 -7.71
C ALA C 98 15.34 8.90 -8.80
N PRO C 99 14.53 9.01 -9.92
CA PRO C 99 14.67 8.03 -11.01
C PRO C 99 16.00 8.03 -11.69
N ASP C 100 16.72 9.13 -11.65
CA ASP C 100 18.02 9.16 -12.27
C ASP C 100 19.15 9.15 -11.20
N LEU C 101 18.85 8.81 -9.95
CA LEU C 101 19.85 8.67 -8.88
C LEU C 101 19.43 7.59 -7.87
N VAL C 102 19.69 6.34 -8.27
CA VAL C 102 19.23 5.15 -7.58
C VAL C 102 20.55 4.62 -7.03
N PHE C 103 20.64 4.38 -5.72
CA PHE C 103 21.91 3.98 -5.15
C PHE C 103 21.82 2.46 -4.85
N ASN C 104 22.57 1.62 -5.58
CA ASN C 104 23.09 0.31 -5.19
C ASN C 104 24.23 0.37 -4.06
N GLU C 105 24.72 -0.79 -3.56
CA GLU C 105 25.78 -0.76 -2.53
C GLU C 105 27.10 -0.08 -2.95
N TYR C 106 27.48 -0.08 -4.24
CA TYR C 106 28.72 0.50 -4.70
C TYR C 106 28.59 1.98 -4.42
N ARG C 107 27.41 2.52 -4.74
CA ARG C 107 27.08 3.94 -4.53
C ARG C 107 26.98 4.28 -3.09
N MET C 108 26.39 3.40 -2.28
CA MET C 108 26.33 3.69 -0.88
C MET C 108 27.75 3.69 -0.31
N HIS C 109 28.64 2.82 -0.82
CA HIS C 109 30.03 2.82 -0.30
C HIS C 109 30.77 4.08 -0.77
N LYS C 110 30.70 4.37 -2.07
CA LYS C 110 31.32 5.64 -2.58
C LYS C 110 30.87 7.01 -1.96
N SER C 111 29.68 7.05 -1.42
CA SER C 111 29.11 8.26 -0.86
C SER C 111 29.61 8.47 0.51
N ARG C 112 30.36 7.49 1.02
CA ARG C 112 30.95 7.63 2.31
C ARG C 112 29.88 7.68 3.39
N MET C 113 28.67 7.23 3.13
CA MET C 113 27.73 7.19 4.22
C MET C 113 27.03 5.85 4.22
N TYR C 114 27.83 4.78 4.16
CA TYR C 114 27.34 3.46 3.92
C TYR C 114 26.47 3.03 5.15
N SER C 115 26.98 3.24 6.34
CA SER C 115 26.21 2.85 7.53
C SER C 115 24.83 3.63 7.63
N GLN C 116 24.81 4.93 7.37
CA GLN C 116 23.51 5.66 7.33
C GLN C 116 22.62 5.11 6.19
N CYS C 117 23.19 4.76 5.04
CA CYS C 117 22.39 4.16 3.92
C CYS C 117 21.79 2.81 4.29
N VAL C 118 22.51 1.98 5.09
CA VAL C 118 21.97 0.66 5.53
C VAL C 118 20.78 0.98 6.44
N ARG C 119 20.90 2.03 7.24
CA ARG C 119 19.81 2.33 8.12
C ARG C 119 18.55 2.80 7.35
N MET C 120 18.75 3.56 6.26
CA MET C 120 17.60 4.00 5.37
C MET C 120 17.00 2.84 4.69
N ARG C 121 17.86 1.91 4.22
CA ARG C 121 17.34 0.66 3.63
C ARG C 121 16.52 -0.16 4.64
N HIS C 122 16.92 -0.20 5.91
CA HIS C 122 16.10 -0.97 6.88
C HIS C 122 14.77 -0.28 7.06
N LEU C 123 14.78 1.05 7.09
CA LEU C 123 13.58 1.85 7.24
C LEU C 123 12.63 1.48 6.08
N SER C 124 13.19 1.49 4.89
CA SER C 124 12.46 1.09 3.70
C SER C 124 11.78 -0.30 3.70
N GLN C 125 12.56 -1.33 4.11
CA GLN C 125 12.06 -2.69 4.30
C GLN C 125 10.98 -2.76 5.36
N GLU C 126 11.00 -1.89 6.37
CA GLU C 126 9.89 -1.83 7.34
C GLU C 126 8.54 -1.56 6.71
N PHE C 127 8.50 -0.85 5.59
CA PHE C 127 7.19 -0.61 4.91
C PHE C 127 6.56 -1.92 4.40
N GLY C 128 7.42 -2.82 3.90
CA GLY C 128 7.10 -4.22 3.52
C GLY C 128 6.73 -5.02 4.79
N TRP C 129 7.68 -5.14 5.74
CA TRP C 129 7.48 -5.89 6.99
C TRP C 129 6.28 -5.52 7.78
N LEU C 130 5.99 -4.23 7.97
CA LEU C 130 4.78 -3.84 8.74
C LEU C 130 3.54 -3.78 7.86
N GLN C 131 3.72 -3.96 6.54
CA GLN C 131 2.66 -3.89 5.55
C GLN C 131 1.98 -2.57 5.64
N ILE C 132 2.75 -1.49 5.65
CA ILE C 132 2.21 -0.14 5.70
C ILE C 132 1.33 0.15 4.45
N THR C 133 0.15 0.75 4.65
CA THR C 133 -0.70 1.07 3.47
C THR C 133 -0.30 2.51 2.91
N PRO C 134 -0.71 2.80 1.65
CA PRO C 134 -0.50 4.10 1.08
C PRO C 134 -1.17 5.25 1.89
N GLN C 135 -2.34 5.02 2.39
CA GLN C 135 -3.05 5.92 3.31
C GLN C 135 -2.29 6.17 4.66
N GLU C 136 -1.88 5.06 5.34
CA GLU C 136 -1.04 5.14 6.53
C GLU C 136 0.20 6.03 6.17
N PHE C 137 0.87 5.76 5.03
CA PHE C 137 2.13 6.45 4.67
C PHE C 137 1.85 7.94 4.56
N LEU C 138 0.73 8.33 3.91
CA LEU C 138 0.32 9.73 3.98
C LEU C 138 0.07 10.43 5.29
N CYS C 139 -0.70 9.85 6.21
CA CYS C 139 -0.85 10.60 7.42
C CYS C 139 0.46 10.50 8.21
N MET C 140 1.15 9.33 8.19
CA MET C 140 2.49 9.28 8.89
C MET C 140 3.43 10.45 8.42
N LYS C 141 3.41 10.75 7.12
CA LYS C 141 4.39 11.72 6.62
C LYS C 141 4.03 13.11 7.12
N ALA C 142 2.74 13.41 7.09
CA ALA C 142 2.22 14.64 7.64
C ALA C 142 2.65 14.73 9.10
N LEU C 143 2.54 13.63 9.85
CA LEU C 143 3.19 13.66 11.22
C LEU C 143 4.60 14.08 11.33
N LEU C 144 5.47 13.68 10.37
CA LEU C 144 6.91 14.12 10.42
C LEU C 144 7.19 15.57 10.38
N LEU C 145 6.28 16.34 9.81
CA LEU C 145 6.39 17.80 9.82
C LEU C 145 6.33 18.33 11.26
N PHE C 146 5.60 17.66 12.14
CA PHE C 146 5.27 18.17 13.45
C PHE C 146 6.08 17.46 14.51
N SER C 147 7.29 17.04 14.16
CA SER C 147 8.02 16.13 15.01
C SER C 147 9.38 16.63 15.44
N ILE C 148 9.69 17.87 15.14
CA ILE C 148 10.97 18.44 15.63
C ILE C 148 10.86 19.96 15.89
N ILE C 149 11.13 20.39 17.14
CA ILE C 149 10.92 21.79 17.59
C ILE C 149 11.94 22.34 18.60
N PRO C 150 12.02 23.69 18.80
CA PRO C 150 12.96 24.18 19.82
C PRO C 150 12.56 23.68 21.20
N VAL C 151 13.49 23.29 22.06
CA VAL C 151 13.19 23.01 23.48
C VAL C 151 12.41 24.09 24.21
N ASP C 152 12.77 25.35 23.96
CA ASP C 152 12.10 26.50 24.51
C ASP C 152 10.66 26.70 24.02
N GLY C 153 10.24 26.01 22.95
CA GLY C 153 8.97 26.32 22.27
C GLY C 153 9.01 27.28 21.08
N LEU C 154 7.96 27.19 20.26
CA LEU C 154 7.71 28.07 19.13
C LEU C 154 7.02 29.32 19.59
N LYS C 155 6.83 30.30 18.70
CA LYS C 155 6.06 31.55 18.95
C LYS C 155 4.62 31.26 19.35
N ASN C 156 3.90 30.47 18.58
CA ASN C 156 2.69 29.88 19.14
C ASN C 156 2.65 28.34 19.24
N GLN C 157 3.21 27.85 20.36
CA GLN C 157 3.37 26.46 20.73
C GLN C 157 2.03 25.78 20.87
N LYS C 158 1.05 26.48 21.46
CA LYS C 158 -0.23 25.90 21.74
C LYS C 158 -0.85 25.54 20.43
N PHE C 159 -0.78 26.45 19.49
CA PHE C 159 -1.33 26.07 18.21
C PHE C 159 -0.60 24.81 17.57
N PHE C 160 0.72 24.78 17.54
CA PHE C 160 1.43 23.61 16.99
C PHE C 160 1.05 22.26 17.68
N ASP C 161 0.85 22.25 19.02
CA ASP C 161 0.32 21.15 19.84
C ASP C 161 -1.04 20.68 19.34
N GLU C 162 -1.98 21.61 19.17
CA GLU C 162 -3.33 21.33 18.60
C GLU C 162 -3.22 20.70 17.15
N LEU C 163 -2.33 21.22 16.36
CA LEU C 163 -2.17 20.75 14.97
C LEU C 163 -1.51 19.36 15.00
N ARG C 164 -0.53 19.12 15.88
CA ARG C 164 0.07 17.80 15.90
C ARG C 164 -1.00 16.72 16.34
N MET C 165 -1.79 17.01 17.40
CA MET C 165 -2.87 16.14 17.87
C MET C 165 -3.90 15.84 16.78
N ASN C 166 -4.30 16.88 16.00
CA ASN C 166 -5.18 16.61 14.81
C ASN C 166 -4.55 15.57 13.82
N TYR C 167 -3.25 15.64 13.58
CA TYR C 167 -2.67 14.67 12.70
C TYR C 167 -2.55 13.29 13.35
N ILE C 168 -2.30 13.23 14.68
CA ILE C 168 -2.31 11.96 15.42
C ILE C 168 -3.71 11.35 15.34
N LYS C 169 -4.75 12.18 15.52
CA LYS C 169 -6.10 11.65 15.39
C LYS C 169 -6.47 11.28 13.96
N GLU C 170 -5.83 11.94 13.00
CA GLU C 170 -6.12 11.49 11.63
C GLU C 170 -5.46 10.14 11.29
N LEU C 171 -4.27 9.88 11.79
CA LEU C 171 -3.65 8.55 11.57
C LEU C 171 -4.48 7.42 12.25
N ASP C 172 -4.99 7.76 13.42
CA ASP C 172 -5.92 6.89 14.12
C ASP C 172 -7.19 6.59 13.33
N ARG C 173 -7.83 7.61 12.71
CA ARG C 173 -8.98 7.30 11.82
C ARG C 173 -8.63 6.34 10.64
N ILE C 174 -7.49 6.55 10.00
CA ILE C 174 -7.01 5.61 8.94
C ILE C 174 -6.70 4.20 9.52
N ILE C 175 -6.27 4.14 10.76
CA ILE C 175 -6.02 2.85 11.37
C ILE C 175 -7.36 2.14 11.62
N ALA C 176 -8.37 2.92 12.08
CA ALA C 176 -9.63 2.38 12.67
C ALA C 176 -10.56 1.86 11.61
N CYS C 177 -10.41 2.34 10.40
CA CYS C 177 -11.26 1.99 9.25
C CYS C 177 -11.31 0.49 9.04
N LYS C 178 -10.15 -0.13 9.16
CA LYS C 178 -10.03 -1.52 8.81
C LYS C 178 -10.00 -2.51 10.03
N ARG C 179 -10.50 -2.07 11.20
CA ARG C 179 -10.28 -2.81 12.48
C ARG C 179 -11.49 -2.90 13.43
N LYS C 180 -12.07 -4.08 13.51
CA LYS C 180 -13.30 -4.23 14.29
C LYS C 180 -12.96 -4.42 15.79
N ASN C 181 -11.81 -5.01 16.11
CA ASN C 181 -11.42 -5.28 17.50
C ASN C 181 -11.03 -3.97 18.29
N PRO C 182 -11.76 -3.67 19.40
CA PRO C 182 -11.38 -2.51 20.23
C PRO C 182 -9.84 -2.26 20.42
N THR C 183 -9.03 -3.30 20.61
CA THR C 183 -7.65 -3.15 21.04
C THR C 183 -6.59 -3.04 19.95
N SER C 184 -6.94 -3.47 18.76
CA SER C 184 -5.89 -3.61 17.77
C SER C 184 -5.49 -2.22 17.13
N CYS C 185 -6.34 -1.18 17.22
CA CYS C 185 -5.93 0.20 16.77
C CYS C 185 -4.76 0.74 17.48
N SER C 186 -4.80 0.70 18.81
CA SER C 186 -3.71 1.24 19.59
C SER C 186 -2.46 0.40 19.33
N ARG C 187 -2.64 -0.89 19.10
CA ARG C 187 -1.46 -1.74 18.87
C ARG C 187 -0.81 -1.44 17.46
N ARG C 188 -1.65 -1.25 16.45
CA ARG C 188 -1.17 -0.69 15.11
C ARG C 188 -0.47 0.68 15.27
N PHE C 189 -1.11 1.62 15.97
CA PHE C 189 -0.60 2.99 16.15
C PHE C 189 0.81 2.89 16.72
N TYR C 190 0.89 2.02 17.74
CA TYR C 190 2.14 1.72 18.42
C TYR C 190 3.31 1.26 17.45
N GLN C 191 3.09 0.19 16.64
CA GLN C 191 4.06 -0.22 15.55
C GLN C 191 4.41 0.98 14.62
N LEU C 192 3.42 1.82 14.29
CA LEU C 192 3.59 2.96 13.32
C LEU C 192 4.44 4.10 13.88
N THR C 193 4.16 4.48 15.12
CA THR C 193 4.89 5.59 15.75
C THR C 193 6.27 5.13 16.20
N LYS C 194 6.44 3.82 16.42
CA LYS C 194 7.81 3.32 16.57
C LYS C 194 8.60 3.48 15.25
N LEU C 195 7.99 3.11 14.12
CA LEU C 195 8.61 3.38 12.86
C LEU C 195 8.95 4.89 12.75
N LEU C 196 8.00 5.79 13.04
CA LEU C 196 8.28 7.26 12.95
C LEU C 196 9.47 7.73 13.82
N ASP C 197 9.51 7.21 15.06
CA ASP C 197 10.62 7.51 15.96
C ASP C 197 11.95 7.11 15.37
N SER C 198 12.06 5.92 14.75
CA SER C 198 13.35 5.46 14.08
C SER C 198 13.83 6.37 12.88
N VAL C 199 12.98 7.23 12.38
CA VAL C 199 13.47 8.25 11.41
C VAL C 199 14.45 9.20 12.17
N GLN C 200 14.13 9.56 13.41
CA GLN C 200 14.81 10.65 14.14
C GLN C 200 16.30 10.35 14.32
N PRO C 201 16.70 9.08 14.74
CA PRO C 201 18.16 8.93 14.76
C PRO C 201 18.82 9.01 13.39
N ILE C 202 18.12 8.62 12.29
CA ILE C 202 18.69 8.68 10.94
C ILE C 202 18.87 10.15 10.53
N ALA C 203 17.82 10.95 10.72
CA ALA C 203 17.89 12.41 10.45
C ALA C 203 19.10 13.05 11.18
N ARG C 204 19.28 12.64 12.46
CA ARG C 204 20.37 13.18 13.23
C ARG C 204 21.78 12.85 12.68
N GLU C 205 22.05 11.58 12.42
CA GLU C 205 23.30 11.19 11.77
C GLU C 205 23.46 11.97 10.40
N LEU C 206 22.37 12.20 9.66
CA LEU C 206 22.43 12.91 8.36
C LEU C 206 22.64 14.43 8.58
N HIS C 207 22.10 15.00 9.64
CA HIS C 207 22.38 16.41 9.97
C HIS C 207 23.85 16.58 10.32
N GLN C 208 24.37 15.71 11.16
CA GLN C 208 25.79 15.76 11.51
C GLN C 208 26.62 15.57 10.23
N PHE C 209 26.31 14.56 9.47
CA PHE C 209 27.03 14.33 8.22
C PHE C 209 27.01 15.56 7.25
N THR C 210 25.84 16.14 6.96
CA THR C 210 25.79 17.18 5.90
C THR C 210 26.48 18.48 6.42
N PHE C 211 26.37 18.72 7.75
CA PHE C 211 26.96 19.90 8.34
C PHE C 211 28.49 19.80 8.21
N ASP C 212 29.04 18.65 8.66
CA ASP C 212 30.50 18.37 8.54
C ASP C 212 30.95 18.51 7.09
N LEU C 213 30.16 17.99 6.16
CA LEU C 213 30.43 18.13 4.72
C LEU C 213 30.30 19.56 4.12
N LEU C 214 29.29 20.36 4.49
CA LEU C 214 29.22 21.72 3.98
C LEU C 214 30.49 22.53 4.36
N ILE C 215 30.95 22.39 5.59
CA ILE C 215 32.02 23.30 6.06
C ILE C 215 33.41 22.92 5.44
N LYS C 216 33.51 21.72 4.86
CA LYS C 216 34.68 21.26 4.11
C LYS C 216 34.42 21.05 2.61
N SER C 217 33.24 21.44 2.13
CA SER C 217 32.82 21.03 0.77
C SER C 217 33.70 21.46 -0.39
N HIS C 218 34.31 22.62 -0.20
CA HIS C 218 35.34 23.17 -1.06
C HIS C 218 36.59 22.27 -1.19
N MET C 219 37.05 21.71 -0.08
CA MET C 219 38.19 20.74 -0.08
C MET C 219 37.95 19.47 -0.90
N VAL C 220 36.67 19.10 -1.14
CA VAL C 220 36.25 17.80 -1.69
C VAL C 220 35.39 17.90 -2.96
N SER C 221 35.28 19.12 -3.53
CA SER C 221 34.64 19.36 -4.81
C SER C 221 33.16 18.96 -4.71
N VAL C 222 32.51 19.16 -3.58
CA VAL C 222 31.04 18.91 -3.45
C VAL C 222 30.28 20.25 -3.53
N ASP C 223 29.35 20.39 -4.46
CA ASP C 223 28.53 21.63 -4.61
C ASP C 223 27.29 21.62 -3.70
N PHE C 224 27.04 22.72 -2.98
CA PHE C 224 25.83 22.87 -2.19
C PHE C 224 25.02 24.03 -2.84
N PRO C 225 23.78 23.77 -3.34
CA PRO C 225 23.02 24.94 -3.81
C PRO C 225 22.68 25.92 -2.63
N GLU C 226 22.37 27.15 -3.00
CA GLU C 226 22.24 28.23 -2.08
C GLU C 226 21.24 28.06 -0.93
N MET C 227 20.00 27.77 -1.27
CA MET C 227 19.03 27.36 -0.22
C MET C 227 19.48 26.32 0.83
N MET C 228 19.99 25.18 0.35
CA MET C 228 20.41 24.09 1.21
C MET C 228 21.54 24.62 2.10
N ALA C 229 22.55 25.26 1.49
CA ALA C 229 23.68 25.86 2.21
C ALA C 229 23.25 26.80 3.31
N GLU C 230 22.27 27.68 3.03
CA GLU C 230 21.65 28.61 4.00
C GLU C 230 21.05 27.86 5.20
N ILE C 231 20.20 26.86 4.91
CA ILE C 231 19.51 26.12 5.96
C ILE C 231 20.53 25.32 6.78
N ILE C 232 21.50 24.74 6.11
CA ILE C 232 22.37 23.85 6.82
C ILE C 232 23.36 24.62 7.72
N SER C 233 23.90 25.72 7.20
CA SER C 233 24.90 26.48 7.98
C SER C 233 24.28 27.14 9.22
N VAL C 234 23.01 27.57 9.16
CA VAL C 234 22.41 28.29 10.31
C VAL C 234 21.55 27.36 11.18
N GLN C 235 20.71 26.51 10.55
CA GLN C 235 19.74 25.76 11.35
C GLN C 235 20.29 24.52 11.93
N VAL C 236 21.13 23.78 11.17
CA VAL C 236 21.64 22.48 11.61
C VAL C 236 22.48 22.48 12.90
N PRO C 237 23.34 23.50 13.13
CA PRO C 237 24.02 23.58 14.44
C PRO C 237 23.10 23.73 15.66
N LYS C 238 21.92 24.32 15.46
CA LYS C 238 20.94 24.42 16.51
C LYS C 238 20.39 23.04 16.91
N ILE C 239 20.20 22.16 15.92
CA ILE C 239 19.73 20.78 16.18
C ILE C 239 20.90 20.03 16.81
N LEU C 240 22.13 20.29 16.39
CA LEU C 240 23.28 19.52 16.93
C LEU C 240 23.69 19.87 18.39
N SER C 241 23.48 21.12 18.81
CA SER C 241 23.68 21.56 20.14
C SER C 241 22.44 21.25 21.02
N GLY C 242 21.34 20.77 20.47
CA GLY C 242 20.25 20.38 21.34
C GLY C 242 19.32 21.52 21.75
N LYS C 243 19.54 22.71 21.18
CA LYS C 243 18.54 23.79 21.21
C LYS C 243 17.15 23.36 20.64
N VAL C 244 17.22 22.50 19.62
CA VAL C 244 16.10 22.01 18.83
C VAL C 244 16.12 20.49 18.96
N LYS C 245 15.01 19.90 19.38
CA LYS C 245 14.95 18.42 19.55
C LYS C 245 13.73 17.74 18.94
N PRO C 246 13.87 16.47 18.61
CA PRO C 246 12.70 15.76 18.14
C PRO C 246 11.70 15.47 19.28
N ILE C 247 10.40 15.41 18.94
CA ILE C 247 9.36 14.91 19.84
C ILE C 247 9.21 13.36 19.64
N TYR C 248 9.63 12.54 20.61
CA TYR C 248 9.52 11.12 20.46
C TYR C 248 8.14 10.65 20.90
N PHE C 249 7.52 9.71 20.15
CA PHE C 249 6.32 9.02 20.68
C PHE C 249 6.59 8.03 21.85
N HIS C 250 7.80 7.46 21.93
CA HIS C 250 8.20 6.52 22.98
C HIS C 250 9.56 6.77 23.55
N THR C 251 9.70 6.50 24.87
CA THR C 251 10.95 6.71 25.57
C THR C 251 12.01 5.98 24.79
N GLN C 252 13.13 6.70 24.60
CA GLN C 252 14.36 6.27 23.91
C GLN C 252 15.41 5.58 24.84
N FME D 1 -13.11 0.30 18.47
CN FME D 1 -12.82 -0.58 17.46
O1 FME D 1 -11.79 -0.61 16.76
CA FME D 1 -12.44 1.56 19.10
CB FME D 1 -10.99 1.94 18.78
CG FME D 1 -10.46 3.26 19.35
SD FME D 1 -9.20 3.80 18.25
CE FME D 1 -10.08 4.27 16.82
C FME D 1 -13.23 2.81 18.85
O FME D 1 -13.69 3.45 19.80
N SER D 2 -13.33 3.20 17.59
CA SER D 2 -14.32 4.17 17.08
C SER D 2 -14.80 3.46 15.84
N ASP D 3 -16.05 3.76 15.50
CA ASP D 3 -16.89 2.90 14.65
C ASP D 3 -17.34 3.68 13.39
N GLU E 1 -2.43 -20.63 8.36
CA GLU E 1 -2.99 -21.08 7.05
C GLU E 1 -3.55 -19.94 6.16
N CYS E 2 -3.81 -18.80 6.78
CA CYS E 2 -4.03 -17.53 6.08
C CYS E 2 -2.63 -16.87 5.84
N GLN E 3 -1.56 -17.67 6.04
CA GLN E 3 -0.17 -17.22 5.87
C GLN E 3 0.29 -17.42 4.42
N PRO E 4 0.71 -16.31 3.81
CA PRO E 4 0.97 -16.32 2.37
C PRO E 4 2.08 -17.30 2.08
N ILE E 5 2.01 -18.00 0.98
CA ILE E 5 3.06 -18.96 0.68
C ILE E 5 3.99 -18.52 -0.48
N PHE E 6 3.46 -17.75 -1.47
CA PHE E 6 4.25 -17.20 -2.64
C PHE E 6 4.60 -15.73 -2.48
N LEU E 7 4.03 -15.02 -1.51
CA LEU E 7 4.20 -13.53 -1.43
C LEU E 7 5.69 -13.13 -1.28
N ASN E 8 6.47 -13.85 -0.49
CA ASN E 8 7.84 -13.43 -0.26
C ASN E 8 8.63 -13.61 -1.59
N VAL E 9 8.36 -14.66 -2.38
CA VAL E 9 8.87 -14.76 -3.73
C VAL E 9 8.35 -13.61 -4.68
N LEU E 10 7.06 -13.30 -4.68
CA LEU E 10 6.52 -12.23 -5.55
C LEU E 10 7.26 -10.91 -5.33
N GLU E 11 7.65 -10.69 -4.08
CA GLU E 11 8.34 -9.47 -3.61
C GLU E 11 9.77 -9.48 -4.06
N ALA E 12 10.40 -10.64 -4.05
CA ALA E 12 11.82 -10.71 -4.47
C ALA E 12 12.03 -10.66 -6.00
N ILE E 13 11.06 -11.13 -6.79
CA ILE E 13 11.18 -11.17 -8.28
C ILE E 13 10.42 -10.00 -8.96
N GLU E 14 9.68 -9.18 -8.21
CA GLU E 14 9.04 -7.94 -8.79
C GLU E 14 10.07 -7.10 -9.59
N PRO E 15 9.82 -6.83 -10.86
CA PRO E 15 10.93 -6.17 -11.51
C PRO E 15 11.14 -4.70 -10.99
N GLY E 16 12.31 -4.07 -11.19
CA GLY E 16 12.45 -2.60 -10.89
C GLY E 16 11.88 -1.70 -12.03
N VAL E 17 12.46 -0.53 -12.23
CA VAL E 17 11.82 0.52 -13.02
C VAL E 17 12.53 0.50 -14.39
N VAL E 18 11.72 0.66 -15.43
CA VAL E 18 12.15 0.51 -16.81
C VAL E 18 11.85 1.91 -17.41
N CYS E 19 12.87 2.51 -17.97
CA CYS E 19 12.85 3.75 -18.65
C CYS E 19 12.53 3.52 -20.16
N ALA E 20 11.82 4.45 -20.77
CA ALA E 20 11.49 4.31 -22.13
C ALA E 20 12.62 4.73 -23.09
N GLY E 21 13.56 5.58 -22.62
CA GLY E 21 14.48 6.33 -23.51
C GLY E 21 13.88 7.46 -24.41
N HIS E 22 12.75 8.04 -24.00
CA HIS E 22 12.08 9.10 -24.70
C HIS E 22 12.87 10.39 -24.55
N ASP E 23 13.02 11.05 -25.69
CA ASP E 23 13.70 12.35 -25.71
C ASP E 23 12.63 13.39 -25.32
N ASN E 24 12.58 13.80 -24.04
CA ASN E 24 11.65 14.89 -23.67
C ASN E 24 11.79 16.32 -24.35
N ASN E 25 12.80 16.55 -25.21
CA ASN E 25 12.84 17.74 -26.09
C ASN E 25 11.98 17.66 -27.36
N GLN E 26 11.73 16.45 -27.82
CA GLN E 26 10.86 16.19 -28.96
C GLN E 26 9.46 16.79 -28.75
N PRO E 27 8.85 17.19 -29.86
CA PRO E 27 7.46 17.54 -29.75
C PRO E 27 6.62 16.34 -29.32
N ASP E 28 5.50 16.61 -28.65
CA ASP E 28 4.43 15.61 -28.43
C ASP E 28 3.70 15.22 -29.73
N SER E 29 4.40 14.60 -30.66
CA SER E 29 3.72 14.19 -31.83
C SER E 29 3.20 12.73 -31.62
N PHE E 30 2.12 12.38 -32.32
CA PHE E 30 1.70 10.97 -32.41
C PHE E 30 2.91 10.04 -32.68
N ALA E 31 3.71 10.36 -33.71
CA ALA E 31 4.92 9.59 -34.11
C ALA E 31 5.88 9.36 -32.94
N ALA E 32 6.32 10.41 -32.29
CA ALA E 32 7.31 10.33 -31.24
C ALA E 32 6.74 9.64 -29.97
N LEU E 33 5.48 9.92 -29.61
CA LEU E 33 5.02 9.38 -28.33
C LEU E 33 4.71 7.85 -28.60
N LEU E 34 4.21 7.42 -29.77
CA LEU E 34 3.88 5.98 -29.96
C LEU E 34 5.14 5.18 -30.11
N SER E 35 6.18 5.76 -30.75
CA SER E 35 7.46 5.10 -30.89
C SER E 35 8.13 4.92 -29.55
N SER E 36 8.00 5.87 -28.62
CA SER E 36 8.52 5.68 -27.27
C SER E 36 7.70 4.62 -26.48
N LEU E 37 6.36 4.58 -26.69
CA LEU E 37 5.54 3.61 -25.92
C LEU E 37 5.89 2.19 -26.44
N ASN E 38 6.02 2.07 -27.78
CA ASN E 38 6.49 0.83 -28.36
C ASN E 38 7.85 0.38 -27.82
N GLU E 39 8.84 1.27 -27.86
CA GLU E 39 10.11 0.95 -27.30
C GLU E 39 9.94 0.57 -25.79
N LEU E 40 9.18 1.33 -24.99
CA LEU E 40 9.04 0.92 -23.55
C LEU E 40 8.45 -0.45 -23.49
N GLY E 41 7.48 -0.73 -24.39
CA GLY E 41 6.91 -2.07 -24.49
C GLY E 41 7.86 -3.28 -24.68
N GLU E 42 8.89 -3.04 -25.51
CA GLU E 42 9.86 -3.99 -25.85
C GLU E 42 10.70 -4.18 -24.60
N ARG E 43 11.08 -3.09 -23.97
CA ARG E 43 11.86 -3.19 -22.77
C ARG E 43 11.10 -3.91 -21.59
N GLN E 44 9.86 -3.54 -21.29
CA GLN E 44 9.05 -4.29 -20.25
C GLN E 44 8.92 -5.76 -20.53
N LEU E 45 8.93 -6.12 -21.81
CA LEU E 45 8.67 -7.46 -22.25
C LEU E 45 9.82 -8.37 -21.83
N VAL E 46 11.04 -7.86 -21.84
CA VAL E 46 12.21 -8.59 -21.31
C VAL E 46 12.01 -8.84 -19.80
N HIS E 47 11.56 -7.84 -19.07
CA HIS E 47 11.29 -7.98 -17.65
C HIS E 47 10.09 -8.98 -17.39
N VAL E 48 9.10 -9.00 -18.29
CA VAL E 48 7.94 -9.81 -18.07
C VAL E 48 8.36 -11.32 -18.23
N VAL E 49 9.19 -11.59 -19.24
CA VAL E 49 9.82 -12.88 -19.36
C VAL E 49 10.68 -13.31 -18.14
N LYS E 50 11.70 -12.53 -17.67
CA LYS E 50 12.42 -12.97 -16.40
C LYS E 50 11.47 -13.20 -15.21
N TRP E 51 10.54 -12.26 -14.97
CA TRP E 51 9.46 -12.39 -14.01
C TRP E 51 8.68 -13.73 -14.13
N ALA E 52 8.18 -13.99 -15.32
CA ALA E 52 7.23 -15.09 -15.54
C ALA E 52 8.00 -16.40 -15.27
N LYS E 53 9.24 -16.48 -15.75
CA LYS E 53 10.07 -17.60 -15.53
C LYS E 53 10.29 -17.87 -14.06
N ALA E 54 10.43 -16.86 -13.23
CA ALA E 54 10.72 -17.05 -11.85
C ALA E 54 9.43 -17.25 -10.93
N LEU E 55 8.23 -17.20 -11.52
CA LEU E 55 6.96 -17.26 -10.83
C LEU E 55 6.75 -18.72 -10.42
N PRO E 56 6.56 -18.96 -9.11
CA PRO E 56 6.44 -20.32 -8.65
C PRO E 56 5.42 -21.08 -9.44
N GLY E 57 5.83 -22.22 -9.97
CA GLY E 57 4.94 -23.10 -10.73
C GLY E 57 4.94 -22.88 -12.27
N PHE E 58 5.29 -21.69 -12.72
CA PHE E 58 5.20 -21.34 -14.17
C PHE E 58 6.08 -22.18 -15.09
N ARG E 59 7.29 -22.60 -14.62
CA ARG E 59 8.15 -23.48 -15.45
C ARG E 59 7.58 -24.94 -15.47
N ASN E 60 6.53 -25.21 -14.72
CA ASN E 60 5.86 -26.51 -14.91
C ASN E 60 4.99 -26.55 -16.16
N LEU E 61 4.72 -25.43 -16.83
CA LEU E 61 3.91 -25.49 -18.03
C LEU E 61 4.77 -25.88 -19.19
N HIS E 62 4.10 -26.57 -20.10
CA HIS E 62 4.68 -26.98 -21.36
C HIS E 62 5.32 -25.74 -21.94
N VAL E 63 6.57 -25.83 -22.41
CA VAL E 63 7.21 -24.63 -23.01
C VAL E 63 6.34 -23.92 -24.04
N ASP E 64 5.44 -24.62 -24.78
CA ASP E 64 4.59 -23.94 -25.76
C ASP E 64 3.49 -23.14 -25.11
N ASP E 65 2.96 -23.67 -24.00
CA ASP E 65 2.05 -22.90 -23.13
C ASP E 65 2.76 -21.68 -22.51
N GLN E 66 4.03 -21.81 -22.14
CA GLN E 66 4.81 -20.70 -21.51
C GLN E 66 4.74 -19.50 -22.40
N MET E 67 5.03 -19.76 -23.66
CA MET E 67 4.96 -18.77 -24.75
C MET E 67 3.57 -18.22 -24.95
N ALA E 68 2.62 -19.11 -25.27
CA ALA E 68 1.22 -18.71 -25.44
C ALA E 68 0.77 -17.78 -24.33
N VAL E 69 0.96 -18.14 -23.03
CA VAL E 69 0.39 -17.25 -22.03
C VAL E 69 1.14 -15.85 -22.00
N ILE E 70 2.46 -15.78 -22.14
CA ILE E 70 3.18 -14.47 -22.15
C ILE E 70 2.67 -13.59 -23.32
N GLN E 71 2.43 -14.22 -24.47
CA GLN E 71 2.08 -13.55 -25.71
C GLN E 71 0.71 -13.02 -25.63
N TYR E 72 -0.18 -13.65 -24.85
CA TYR E 72 -1.58 -13.20 -24.83
C TYR E 72 -1.82 -12.27 -23.71
N SER E 73 -1.04 -12.41 -22.62
CA SER E 73 -1.35 -11.57 -21.51
C SER E 73 -0.44 -10.39 -21.25
N TRP E 74 0.61 -10.18 -22.00
CA TRP E 74 1.51 -9.04 -21.59
C TRP E 74 0.76 -7.62 -21.49
N MET E 75 -0.18 -7.36 -22.40
CA MET E 75 -0.89 -6.08 -22.37
C MET E 75 -1.66 -5.94 -21.04
N GLY E 76 -2.45 -6.94 -20.62
CA GLY E 76 -3.13 -6.72 -19.35
C GLY E 76 -2.18 -6.45 -18.18
N LEU E 77 -1.08 -7.22 -18.17
CA LEU E 77 -0.09 -7.18 -17.12
C LEU E 77 0.57 -5.84 -17.10
N MET E 78 1.02 -5.38 -18.25
CA MET E 78 1.74 -4.07 -18.32
C MET E 78 0.81 -2.86 -18.02
N VAL E 79 -0.47 -2.98 -18.37
CA VAL E 79 -1.46 -1.90 -18.09
C VAL E 79 -1.74 -1.88 -16.62
N PHE E 80 -1.93 -3.08 -16.03
CA PHE E 80 -2.17 -3.10 -14.60
C PHE E 80 -1.05 -2.58 -13.77
N ALA E 81 0.18 -3.00 -14.07
CA ALA E 81 1.36 -2.48 -13.42
C ALA E 81 1.51 -0.89 -13.50
N MET E 82 1.29 -0.34 -14.67
CA MET E 82 1.36 1.09 -14.93
C MET E 82 0.32 1.81 -14.10
N GLY E 83 -0.87 1.20 -13.95
CA GLY E 83 -1.87 1.81 -13.10
C GLY E 83 -1.35 1.92 -11.67
N TRP E 84 -0.66 0.90 -11.19
CA TRP E 84 -0.26 0.89 -9.75
C TRP E 84 0.85 1.96 -9.59
N ARG E 85 1.78 2.01 -10.55
CA ARG E 85 2.82 3.01 -10.58
C ARG E 85 2.28 4.45 -10.73
N SER E 86 1.15 4.63 -11.47
CA SER E 86 0.58 5.96 -11.63
C SER E 86 0.06 6.30 -10.29
N PHE E 87 -0.61 5.35 -9.68
CA PHE E 87 -1.15 5.63 -8.35
C PHE E 87 -0.06 5.92 -7.35
N THR E 88 0.98 5.05 -7.22
CA THR E 88 1.96 5.31 -6.14
C THR E 88 2.83 6.53 -6.35
N ASN E 89 3.22 6.80 -7.61
CA ASN E 89 4.19 7.88 -7.92
C ASN E 89 3.50 9.27 -8.18
N VAL E 90 2.33 9.30 -8.81
CA VAL E 90 1.65 10.59 -9.04
C VAL E 90 0.19 10.70 -8.65
N ASN E 91 -0.26 9.84 -7.72
CA ASN E 91 -1.59 9.79 -7.33
C ASN E 91 -2.55 9.75 -8.52
N SER E 92 -2.25 8.96 -9.54
CA SER E 92 -3.20 8.79 -10.63
C SER E 92 -3.47 10.09 -11.48
N ARG E 93 -2.79 11.22 -11.26
CA ARG E 93 -3.04 12.46 -11.97
C ARG E 93 -2.57 12.25 -13.42
N MET E 94 -1.69 11.30 -13.68
CA MET E 94 -1.05 11.22 -14.94
C MET E 94 -0.76 9.79 -15.15
N LEU E 95 -0.51 9.37 -16.40
CA LEU E 95 -0.19 7.97 -16.64
C LEU E 95 1.32 7.87 -16.69
N TYR E 96 1.79 7.29 -15.62
CA TYR E 96 3.22 7.17 -15.37
C TYR E 96 3.72 5.92 -16.07
N PHE E 97 3.84 5.99 -17.42
CA PHE E 97 4.34 4.87 -18.17
C PHE E 97 5.79 4.45 -17.80
N ALA E 98 6.64 5.46 -17.62
CA ALA E 98 8.05 5.36 -17.32
C ALA E 98 8.41 6.73 -16.77
N PRO E 99 9.53 6.83 -16.03
CA PRO E 99 9.84 8.09 -15.46
C PRO E 99 10.16 9.09 -16.52
N ASP E 100 10.67 8.67 -17.67
CA ASP E 100 11.00 9.67 -18.78
C ASP E 100 9.82 9.78 -19.82
N LEU E 101 8.61 9.28 -19.45
CA LEU E 101 7.47 9.20 -20.34
C LEU E 101 6.19 9.23 -19.55
N VAL E 102 5.85 10.44 -19.09
CA VAL E 102 4.67 10.61 -18.23
C VAL E 102 3.58 11.36 -19.04
N PHE E 103 2.38 10.75 -19.20
CA PHE E 103 1.30 11.36 -20.05
C PHE E 103 0.40 12.22 -19.20
N ASN E 104 0.45 13.53 -19.49
CA ASN E 104 -0.58 14.49 -19.05
C ASN E 104 -1.72 14.46 -20.10
N GLU E 105 -2.72 15.34 -19.99
CA GLU E 105 -3.90 15.22 -20.88
C GLU E 105 -3.63 15.56 -22.33
N TYR E 106 -2.61 16.40 -22.51
CA TYR E 106 -2.16 16.86 -23.83
C TYR E 106 -1.62 15.66 -24.57
N ARG E 107 -0.76 14.90 -23.88
CA ARG E 107 -0.19 13.69 -24.50
C ARG E 107 -1.14 12.55 -24.66
N MET E 108 -2.10 12.43 -23.75
CA MET E 108 -3.21 11.50 -23.99
C MET E 108 -3.98 11.99 -25.27
N HIS E 109 -4.09 13.31 -25.54
CA HIS E 109 -4.78 13.75 -26.74
C HIS E 109 -3.98 13.42 -28.01
N LYS E 110 -2.73 13.86 -28.00
CA LYS E 110 -1.81 13.64 -29.12
C LYS E 110 -1.50 12.20 -29.49
N SER E 111 -1.65 11.28 -28.56
CA SER E 111 -1.36 9.84 -28.80
C SER E 111 -2.57 9.22 -29.49
N ARG E 112 -3.66 9.97 -29.62
CA ARG E 112 -4.83 9.54 -30.39
C ARG E 112 -5.52 8.37 -29.68
N MET E 113 -5.21 8.20 -28.42
CA MET E 113 -5.89 7.16 -27.65
C MET E 113 -6.44 7.72 -26.42
N TYR E 114 -6.93 8.94 -26.48
CA TYR E 114 -7.48 9.55 -25.28
C TYR E 114 -8.54 8.71 -24.48
N SER E 115 -9.56 8.14 -25.12
CA SER E 115 -10.59 7.46 -24.31
C SER E 115 -10.02 6.15 -23.65
N GLN E 116 -9.11 5.47 -24.33
CA GLN E 116 -8.36 4.35 -23.68
C GLN E 116 -7.53 4.84 -22.46
N CYS E 117 -6.82 5.97 -22.59
CA CYS E 117 -6.06 6.62 -21.52
C CYS E 117 -6.94 7.06 -20.37
N VAL E 118 -8.11 7.61 -20.65
CA VAL E 118 -9.08 7.86 -19.59
C VAL E 118 -9.45 6.55 -18.84
N ARG E 119 -9.65 5.44 -19.56
CA ARG E 119 -10.04 4.23 -18.91
C ARG E 119 -8.84 3.68 -18.08
N MET E 120 -7.59 3.78 -18.56
CA MET E 120 -6.46 3.48 -17.68
C MET E 120 -6.37 4.39 -16.45
N ARG E 121 -6.60 5.70 -16.60
CA ARG E 121 -6.56 6.60 -15.46
C ARG E 121 -7.59 6.18 -14.41
N HIS E 122 -8.81 5.79 -14.84
CA HIS E 122 -9.89 5.36 -13.91
C HIS E 122 -9.42 4.06 -13.21
N LEU E 123 -8.81 3.16 -13.92
CA LEU E 123 -8.29 1.95 -13.35
C LEU E 123 -7.23 2.36 -12.27
N SER E 124 -6.26 3.24 -12.63
CA SER E 124 -5.35 3.71 -11.64
C SER E 124 -6.00 4.24 -10.37
N GLN E 125 -6.98 5.12 -10.49
CA GLN E 125 -7.73 5.67 -9.34
C GLN E 125 -8.47 4.62 -8.48
N GLU E 126 -8.84 3.52 -9.07
CA GLU E 126 -9.38 2.43 -8.31
C GLU E 126 -8.39 1.91 -7.23
N PHE E 127 -7.06 2.00 -7.45
CA PHE E 127 -6.09 1.53 -6.40
C PHE E 127 -6.25 2.36 -5.13
N GLY E 128 -6.50 3.65 -5.36
CA GLY E 128 -6.90 4.57 -4.29
C GLY E 128 -8.30 4.36 -3.73
N TRP E 129 -9.32 4.26 -4.58
CA TRP E 129 -10.71 4.10 -4.14
C TRP E 129 -10.91 2.82 -3.40
N LEU E 130 -10.31 1.68 -3.83
CA LEU E 130 -10.53 0.42 -3.12
C LEU E 130 -9.45 0.25 -2.08
N GLN E 131 -8.47 1.21 -2.01
CA GLN E 131 -7.38 1.11 -1.02
C GLN E 131 -6.65 -0.20 -1.18
N ILE E 132 -6.21 -0.50 -2.40
CA ILE E 132 -5.53 -1.73 -2.73
C ILE E 132 -4.21 -1.69 -2.02
N THR E 133 -3.80 -2.79 -1.38
CA THR E 133 -2.56 -2.79 -0.68
C THR E 133 -1.43 -3.28 -1.62
N PRO E 134 -0.17 -2.96 -1.31
CA PRO E 134 0.92 -3.48 -2.17
C PRO E 134 0.95 -5.01 -2.21
N GLN E 135 0.58 -5.67 -1.14
CA GLN E 135 0.54 -7.18 -1.16
C GLN E 135 -0.57 -7.75 -2.05
N GLU E 136 -1.74 -7.10 -1.98
CA GLU E 136 -2.88 -7.38 -2.89
C GLU E 136 -2.46 -7.05 -4.31
N PHE E 137 -1.70 -5.95 -4.52
CA PHE E 137 -1.29 -5.68 -5.93
C PHE E 137 -0.40 -6.78 -6.51
N LEU E 138 0.58 -7.25 -5.77
CA LEU E 138 1.46 -8.38 -6.30
C LEU E 138 0.74 -9.72 -6.63
N CYS E 139 -0.19 -10.13 -5.74
CA CYS E 139 -0.97 -11.32 -6.05
C CYS E 139 -1.97 -11.09 -7.13
N MET E 140 -2.62 -9.91 -7.16
CA MET E 140 -3.45 -9.61 -8.33
C MET E 140 -2.68 -9.69 -9.64
N LYS E 141 -1.49 -9.11 -9.73
CA LYS E 141 -0.77 -9.06 -11.05
C LYS E 141 -0.36 -10.49 -11.55
N ALA E 142 0.06 -11.32 -10.60
CA ALA E 142 0.32 -12.74 -10.89
C ALA E 142 -0.92 -13.40 -11.52
N LEU E 143 -2.12 -13.21 -10.94
CA LEU E 143 -3.34 -13.65 -11.62
C LEU E 143 -3.59 -13.19 -13.03
N LEU E 144 -3.11 -12.02 -13.40
CA LEU E 144 -3.30 -11.49 -14.77
C LEU E 144 -2.55 -12.28 -15.79
N LEU E 145 -1.41 -12.87 -15.38
CA LEU E 145 -0.67 -13.77 -16.23
C LEU E 145 -1.60 -15.01 -16.61
N PHE E 146 -2.56 -15.39 -15.75
CA PHE E 146 -3.33 -16.58 -15.98
C PHE E 146 -4.75 -16.26 -16.34
N SER E 147 -5.00 -15.17 -17.06
CA SER E 147 -6.36 -14.74 -17.26
C SER E 147 -6.74 -14.65 -18.74
N ILE E 148 -5.95 -15.23 -19.62
CA ILE E 148 -6.32 -15.21 -21.04
C ILE E 148 -5.64 -16.34 -21.85
N ILE E 149 -6.49 -17.19 -22.46
CA ILE E 149 -6.06 -18.48 -23.13
C ILE E 149 -6.87 -18.89 -24.39
N PRO E 150 -6.31 -19.70 -25.29
CA PRO E 150 -7.17 -20.12 -26.44
C PRO E 150 -8.50 -20.86 -26.01
N VAL E 151 -9.61 -20.74 -26.73
CA VAL E 151 -10.90 -21.39 -26.39
C VAL E 151 -10.87 -22.89 -26.29
N ASP E 152 -10.16 -23.55 -27.19
CA ASP E 152 -10.08 -24.98 -27.02
C ASP E 152 -8.77 -25.36 -26.32
N GLY E 153 -8.26 -24.45 -25.46
CA GLY E 153 -7.24 -24.81 -24.45
C GLY E 153 -5.80 -24.82 -24.86
N LEU E 154 -4.93 -24.97 -23.85
CA LEU E 154 -3.47 -25.08 -24.00
C LEU E 154 -3.08 -26.54 -24.08
N LYS E 155 -1.80 -26.87 -24.37
CA LYS E 155 -1.33 -28.29 -24.29
C LYS E 155 -1.58 -28.98 -22.95
N ASN E 156 -1.11 -28.43 -21.82
CA ASN E 156 -1.58 -28.91 -20.54
C ASN E 156 -2.56 -28.07 -19.77
N GLN E 157 -3.82 -28.08 -20.23
CA GLN E 157 -4.87 -27.18 -19.73
C GLN E 157 -5.09 -27.43 -18.24
N LYS E 158 -5.03 -28.70 -17.88
CA LYS E 158 -5.21 -29.12 -16.49
C LYS E 158 -4.12 -28.60 -15.56
N PHE E 159 -2.86 -28.59 -16.01
CA PHE E 159 -1.89 -27.92 -15.17
C PHE E 159 -2.18 -26.36 -15.07
N PHE E 160 -2.56 -25.72 -16.16
CA PHE E 160 -2.77 -24.27 -16.14
C PHE E 160 -3.91 -23.97 -15.13
N ASP E 161 -4.99 -24.79 -15.17
CA ASP E 161 -6.11 -24.65 -14.19
C ASP E 161 -5.65 -24.74 -12.77
N GLU E 162 -4.82 -25.71 -12.48
CA GLU E 162 -4.17 -25.88 -11.15
C GLU E 162 -3.38 -24.61 -10.72
N LEU E 163 -2.58 -24.06 -11.62
CA LEU E 163 -1.70 -22.94 -11.30
C LEU E 163 -2.56 -21.70 -10.96
N ARG E 164 -3.62 -21.49 -11.76
CA ARG E 164 -4.47 -20.32 -11.64
C ARG E 164 -5.17 -20.34 -10.24
N MET E 165 -5.74 -21.49 -9.90
CA MET E 165 -6.35 -21.71 -8.61
C MET E 165 -5.35 -21.42 -7.48
N ASN E 166 -4.11 -21.86 -7.65
CA ASN E 166 -3.10 -21.66 -6.56
C ASN E 166 -2.88 -20.15 -6.29
N TYR E 167 -2.90 -19.34 -7.38
CA TYR E 167 -2.78 -17.89 -7.24
C TYR E 167 -4.07 -17.26 -6.77
N ILE E 168 -5.22 -17.89 -7.12
CA ILE E 168 -6.52 -17.47 -6.49
C ILE E 168 -6.47 -17.66 -4.97
N LYS E 169 -5.95 -18.80 -4.58
CA LYS E 169 -5.86 -19.15 -3.12
C LYS E 169 -4.83 -18.28 -2.43
N GLU E 170 -3.74 -17.92 -3.12
CA GLU E 170 -2.76 -16.98 -2.48
C GLU E 170 -3.30 -15.55 -2.25
N LEU E 171 -4.02 -15.01 -3.26
CA LEU E 171 -4.71 -13.75 -3.05
C LEU E 171 -5.69 -13.87 -1.85
N ASP E 172 -6.42 -14.97 -1.79
CA ASP E 172 -7.28 -15.14 -0.69
C ASP E 172 -6.50 -15.13 0.65
N ARG E 173 -5.29 -15.68 0.72
CA ARG E 173 -4.57 -15.67 2.00
C ARG E 173 -4.17 -14.22 2.40
N ILE E 174 -3.85 -13.41 1.40
CA ILE E 174 -3.40 -12.03 1.62
C ILE E 174 -4.57 -11.20 2.15
N ILE E 175 -5.78 -11.49 1.63
CA ILE E 175 -7.04 -10.87 2.06
C ILE E 175 -7.42 -11.25 3.55
N ALA E 176 -7.30 -12.55 3.88
CA ALA E 176 -7.72 -13.17 5.15
C ALA E 176 -6.85 -12.75 6.35
N CYS E 177 -5.53 -12.61 6.13
CA CYS E 177 -4.58 -12.01 7.08
C CYS E 177 -5.14 -10.85 7.93
N LYS E 178 -5.94 -9.97 7.33
CA LYS E 178 -6.38 -8.71 7.96
C LYS E 178 -7.86 -8.74 8.40
N ARG E 179 -8.48 -9.92 8.28
CA ARG E 179 -9.94 -10.00 8.40
C ARG E 179 -10.47 -11.05 9.37
N LYS E 180 -11.15 -10.58 10.41
CA LYS E 180 -11.74 -11.43 11.45
C LYS E 180 -13.11 -11.99 11.06
N ASN E 181 -13.88 -11.24 10.29
CA ASN E 181 -15.24 -11.61 9.99
C ASN E 181 -15.26 -12.69 8.88
N PRO E 182 -15.84 -13.87 9.20
CA PRO E 182 -15.75 -14.91 8.18
C PRO E 182 -16.34 -14.50 6.81
N THR E 183 -17.15 -13.43 6.77
CA THR E 183 -17.87 -12.92 5.60
C THR E 183 -17.05 -11.92 4.77
N SER E 184 -16.17 -11.19 5.39
CA SER E 184 -15.60 -10.02 4.65
C SER E 184 -14.50 -10.33 3.60
N CYS E 185 -13.76 -11.44 3.79
CA CYS E 185 -12.83 -11.94 2.76
C CYS E 185 -13.39 -12.16 1.39
N SER E 186 -14.82 -12.96 1.16
CA SER E 186 -15.34 -13.12 -0.20
C SER E 186 -15.74 -11.74 -0.74
N ARG E 187 -16.07 -10.83 0.16
CA ARG E 187 -16.61 -9.54 -0.25
C ARG E 187 -15.43 -8.62 -0.75
N ARG E 188 -14.27 -8.66 -0.07
CA ARG E 188 -13.03 -8.05 -0.59
C ARG E 188 -12.58 -8.74 -1.91
N PHE E 189 -12.75 -10.09 -1.99
CA PHE E 189 -12.26 -10.88 -3.14
C PHE E 189 -13.08 -10.51 -4.28
N TYR E 190 -14.40 -10.44 -4.04
CA TYR E 190 -15.31 -9.94 -5.05
C TYR E 190 -14.92 -8.51 -5.69
N GLN E 191 -14.69 -7.48 -4.86
CA GLN E 191 -14.26 -6.14 -5.31
C GLN E 191 -12.93 -6.19 -6.08
N LEU E 192 -11.97 -7.02 -5.65
CA LEU E 192 -10.67 -7.13 -6.35
C LEU E 192 -10.71 -7.80 -7.73
N THR E 193 -11.52 -8.88 -7.87
CA THR E 193 -11.64 -9.58 -9.11
C THR E 193 -12.52 -8.79 -10.04
N LYS E 194 -13.41 -7.99 -9.51
CA LYS E 194 -14.14 -7.07 -10.33
C LYS E 194 -13.12 -6.10 -10.98
N LEU E 195 -12.18 -5.61 -10.17
CA LEU E 195 -11.13 -4.75 -10.71
C LEU E 195 -10.28 -5.52 -11.76
N LEU E 196 -9.98 -6.81 -11.53
CA LEU E 196 -9.18 -7.57 -12.51
C LEU E 196 -9.91 -7.71 -13.84
N ASP E 197 -11.19 -8.10 -13.74
CA ASP E 197 -12.10 -8.09 -14.89
C ASP E 197 -12.07 -6.84 -15.75
N SER E 198 -12.04 -5.67 -15.14
CA SER E 198 -12.11 -4.39 -15.85
C SER E 198 -10.79 -4.05 -16.59
N VAL E 199 -9.69 -4.73 -16.29
CA VAL E 199 -8.50 -4.69 -17.16
C VAL E 199 -8.74 -5.29 -18.55
N GLN E 200 -9.56 -6.36 -18.65
CA GLN E 200 -9.80 -7.03 -19.92
C GLN E 200 -10.35 -6.21 -21.10
N PRO E 201 -11.49 -5.47 -20.93
CA PRO E 201 -11.93 -4.58 -21.96
C PRO E 201 -10.83 -3.55 -22.29
N ILE E 202 -10.02 -3.09 -21.29
CA ILE E 202 -8.92 -2.15 -21.65
C ILE E 202 -7.88 -2.72 -22.55
N ALA E 203 -7.40 -3.92 -22.21
CA ALA E 203 -6.43 -4.62 -22.98
C ALA E 203 -6.99 -4.94 -24.42
N ARG E 204 -8.25 -5.34 -24.52
CA ARG E 204 -8.81 -5.63 -25.84
C ARG E 204 -8.87 -4.40 -26.83
N GLU E 205 -9.29 -3.20 -26.32
CA GLU E 205 -9.31 -1.89 -27.05
C GLU E 205 -7.88 -1.61 -27.44
N LEU E 206 -6.90 -1.89 -26.55
CA LEU E 206 -5.46 -1.62 -26.87
C LEU E 206 -4.92 -2.63 -27.93
N HIS E 207 -5.30 -3.91 -27.84
CA HIS E 207 -4.91 -4.88 -28.87
C HIS E 207 -5.33 -4.42 -30.32
N GLN E 208 -6.58 -4.03 -30.44
CA GLN E 208 -7.27 -3.50 -31.65
C GLN E 208 -6.55 -2.22 -32.10
N PHE E 209 -6.37 -1.26 -31.21
CA PHE E 209 -5.60 -0.08 -31.50
C PHE E 209 -4.18 -0.39 -31.96
N THR E 210 -3.46 -1.31 -31.28
CA THR E 210 -2.02 -1.50 -31.63
C THR E 210 -1.88 -2.31 -32.95
N PHE E 211 -2.83 -3.22 -33.19
CA PHE E 211 -2.82 -3.99 -34.40
C PHE E 211 -3.07 -3.08 -35.63
N ASP E 212 -4.01 -2.16 -35.51
CA ASP E 212 -4.45 -1.24 -36.59
C ASP E 212 -3.31 -0.28 -36.83
N LEU E 213 -2.56 0.09 -35.75
CA LEU E 213 -1.33 0.92 -35.88
C LEU E 213 -0.18 0.21 -36.43
N LEU E 214 0.07 -1.04 -36.02
CA LEU E 214 1.20 -1.73 -36.62
C LEU E 214 1.11 -1.79 -38.19
N ILE E 215 -0.08 -2.15 -38.69
CA ILE E 215 -0.26 -2.39 -40.10
C ILE E 215 -0.10 -1.09 -40.97
N LYS E 216 -0.18 0.08 -40.35
CA LYS E 216 -0.11 1.34 -41.08
C LYS E 216 1.05 2.18 -40.54
N SER E 217 1.83 1.59 -39.65
CA SER E 217 2.91 2.30 -38.94
C SER E 217 3.94 3.02 -39.78
N HIS E 218 4.30 2.46 -40.91
CA HIS E 218 5.15 3.17 -41.93
C HIS E 218 4.58 4.50 -42.53
N MET E 219 3.24 4.54 -42.73
CA MET E 219 2.48 5.74 -43.24
C MET E 219 2.50 6.84 -42.20
N VAL E 220 2.67 6.46 -40.90
CA VAL E 220 2.60 7.47 -39.83
C VAL E 220 3.91 7.72 -39.07
N SER E 221 5.03 7.17 -39.55
CA SER E 221 6.31 7.28 -38.91
C SER E 221 6.35 6.68 -37.47
N VAL E 222 5.61 5.59 -37.20
CA VAL E 222 5.64 4.98 -35.83
C VAL E 222 6.53 3.78 -35.95
N ASP E 223 7.59 3.76 -35.17
CA ASP E 223 8.52 2.58 -35.13
C ASP E 223 8.13 1.47 -34.14
N PHE E 224 8.12 0.21 -34.57
CA PHE E 224 7.81 -0.91 -33.71
C PHE E 224 9.05 -1.77 -33.68
N PRO E 225 9.64 -2.01 -32.48
CA PRO E 225 10.77 -2.96 -32.26
C PRO E 225 10.41 -4.39 -32.67
N GLU E 226 11.40 -5.16 -33.14
CA GLU E 226 11.15 -6.47 -33.76
C GLU E 226 10.28 -7.47 -32.97
N MET E 227 10.61 -7.67 -31.73
CA MET E 227 9.82 -8.55 -30.87
C MET E 227 8.33 -8.18 -30.71
N MET E 228 8.11 -6.91 -30.39
CA MET E 228 6.78 -6.29 -30.35
C MET E 228 6.02 -6.45 -31.67
N ALA E 229 6.72 -6.27 -32.78
CA ALA E 229 6.10 -6.33 -34.13
C ALA E 229 5.71 -7.75 -34.42
N GLU E 230 6.53 -8.72 -33.97
CA GLU E 230 6.28 -10.09 -34.25
C GLU E 230 5.09 -10.65 -33.43
N ILE E 231 5.07 -10.38 -32.10
CA ILE E 231 3.96 -10.75 -31.27
C ILE E 231 2.63 -10.12 -31.75
N ILE E 232 2.64 -8.83 -32.08
CA ILE E 232 1.38 -8.10 -32.48
C ILE E 232 0.77 -8.62 -33.78
N SER E 233 1.63 -8.85 -34.76
CA SER E 233 1.20 -9.23 -36.09
C SER E 233 0.65 -10.66 -36.14
N VAL E 234 1.21 -11.60 -35.36
CA VAL E 234 0.74 -13.01 -35.32
C VAL E 234 -0.31 -13.31 -34.23
N GLN E 235 -0.05 -12.83 -33.01
CA GLN E 235 -0.88 -13.31 -31.88
C GLN E 235 -2.12 -12.52 -31.69
N VAL E 236 -2.04 -11.20 -32.03
CA VAL E 236 -3.11 -10.26 -31.78
C VAL E 236 -4.37 -10.58 -32.59
N PRO E 237 -4.21 -10.97 -33.89
CA PRO E 237 -5.43 -11.33 -34.66
C PRO E 237 -6.17 -12.52 -34.07
N LYS E 238 -5.41 -13.37 -33.33
CA LYS E 238 -6.06 -14.51 -32.68
C LYS E 238 -6.94 -13.99 -31.52
N ILE E 239 -6.48 -12.93 -30.89
CA ILE E 239 -7.30 -12.33 -29.83
C ILE E 239 -8.46 -11.62 -30.50
N LEU E 240 -8.24 -11.06 -31.67
CA LEU E 240 -9.30 -10.22 -32.22
C LEU E 240 -10.45 -11.02 -32.83
N SER E 241 -10.16 -12.19 -33.41
CA SER E 241 -11.22 -13.12 -33.84
C SER E 241 -11.86 -14.02 -32.70
N GLY E 242 -11.32 -14.06 -31.50
CA GLY E 242 -11.98 -14.90 -30.46
C GLY E 242 -11.60 -16.38 -30.42
N LYS E 243 -10.50 -16.73 -31.09
CA LYS E 243 -9.80 -17.99 -30.94
C LYS E 243 -9.09 -17.96 -29.55
N VAL E 244 -8.78 -16.75 -28.99
CA VAL E 244 -8.16 -16.56 -27.69
C VAL E 244 -9.10 -15.67 -26.90
N LYS E 245 -9.44 -16.01 -25.65
CA LYS E 245 -10.37 -15.18 -24.86
C LYS E 245 -10.01 -15.03 -23.37
N PRO E 246 -10.45 -13.91 -22.73
CA PRO E 246 -10.16 -13.75 -21.30
C PRO E 246 -10.95 -14.75 -20.47
N ILE E 247 -10.40 -15.15 -19.32
CA ILE E 247 -11.21 -15.84 -18.29
C ILE E 247 -11.75 -14.69 -17.41
N TYR E 248 -13.06 -14.48 -17.42
CA TYR E 248 -13.76 -13.53 -16.53
C TYR E 248 -14.08 -14.14 -15.15
N PHE E 249 -13.84 -13.40 -14.07
CA PHE E 249 -14.31 -13.85 -12.80
C PHE E 249 -15.84 -13.70 -12.66
N HIS E 250 -16.39 -12.68 -13.34
CA HIS E 250 -17.88 -12.34 -13.35
C HIS E 250 -18.57 -12.29 -14.72
N FME F 1 -12.56 -16.64 7.47
CN FME F 1 -12.31 -15.97 8.60
O1 FME F 1 -12.10 -14.72 8.47
CA FME F 1 -12.82 -18.00 6.95
CB FME F 1 -13.45 -18.07 5.53
CG FME F 1 -12.82 -17.13 4.47
SD FME F 1 -11.67 -17.70 3.25
CE FME F 1 -10.56 -16.38 3.44
C FME F 1 -11.63 -18.92 6.94
O FME F 1 -11.83 -20.11 6.69
N SER F 2 -10.40 -18.42 7.17
CA SER F 2 -9.17 -19.26 7.34
C SER F 2 -8.31 -18.71 8.48
N ASP F 3 -7.64 -19.58 9.24
CA ASP F 3 -7.09 -19.20 10.56
C ASP F 3 -5.59 -19.08 10.50
N CYS G 2 -42.43 29.57 -25.00
CA CYS G 2 -42.62 30.60 -23.96
C CYS G 2 -41.29 31.08 -23.46
N GLN G 3 -41.10 32.39 -23.56
CA GLN G 3 -39.96 33.08 -22.95
C GLN G 3 -40.28 33.39 -21.44
N PRO G 4 -39.23 33.49 -20.59
CA PRO G 4 -39.42 33.72 -19.15
C PRO G 4 -40.17 35.01 -18.90
N ILE G 5 -40.93 35.04 -17.82
CA ILE G 5 -41.67 36.23 -17.49
C ILE G 5 -41.12 36.93 -16.23
N PHE G 6 -40.45 36.18 -15.32
CA PHE G 6 -39.88 36.75 -14.06
C PHE G 6 -38.37 36.81 -14.06
N LEU G 7 -37.70 36.20 -15.07
CA LEU G 7 -36.24 36.11 -15.04
C LEU G 7 -35.55 37.53 -14.92
N ASN G 8 -36.01 38.44 -15.78
CA ASN G 8 -35.52 39.84 -15.85
C ASN G 8 -35.59 40.52 -14.49
N VAL G 9 -36.71 40.36 -13.74
CA VAL G 9 -36.78 40.83 -12.35
C VAL G 9 -35.77 40.07 -11.44
N LEU G 10 -35.75 38.73 -11.51
CA LEU G 10 -34.87 37.93 -10.64
C LEU G 10 -33.44 38.45 -10.80
N GLU G 11 -33.01 38.67 -12.03
CA GLU G 11 -31.68 39.24 -12.27
C GLU G 11 -31.44 40.64 -11.65
N ALA G 12 -32.44 41.51 -11.75
CA ALA G 12 -32.40 42.83 -11.15
C ALA G 12 -32.37 42.84 -9.63
N ILE G 13 -33.01 41.91 -8.93
CA ILE G 13 -33.18 42.08 -7.45
C ILE G 13 -32.19 41.15 -6.65
N GLU G 14 -31.46 40.31 -7.40
CA GLU G 14 -30.45 39.44 -6.86
C GLU G 14 -29.51 40.30 -6.04
N PRO G 15 -29.35 40.01 -4.74
CA PRO G 15 -28.50 40.88 -3.99
C PRO G 15 -27.03 40.77 -4.40
N GLY G 16 -26.23 41.76 -3.97
CA GLY G 16 -24.77 41.67 -4.13
C GLY G 16 -24.08 40.83 -3.03
N VAL G 17 -22.77 41.04 -2.84
CA VAL G 17 -21.89 40.23 -2.00
C VAL G 17 -21.98 40.78 -0.60
N VAL G 18 -22.14 39.92 0.36
CA VAL G 18 -22.20 40.33 1.72
C VAL G 18 -20.89 39.80 2.38
N CYS G 19 -20.24 40.62 3.16
CA CYS G 19 -19.03 40.31 3.86
C CYS G 19 -19.43 39.95 5.34
N ALA G 20 -18.68 39.05 6.00
CA ALA G 20 -19.03 38.62 7.31
C ALA G 20 -18.50 39.57 8.37
N GLY G 21 -17.36 40.23 8.05
CA GLY G 21 -16.60 41.06 8.97
C GLY G 21 -15.69 40.18 9.84
N HIS G 22 -15.25 39.05 9.33
CA HIS G 22 -14.47 38.12 10.14
C HIS G 22 -13.03 38.67 10.18
N ASP G 23 -12.45 38.76 11.37
CA ASP G 23 -11.02 39.20 11.40
C ASP G 23 -10.14 37.96 11.13
N ASN G 24 -9.70 37.78 9.88
CA ASN G 24 -8.77 36.69 9.55
C ASN G 24 -7.40 36.66 10.30
N ASN G 25 -7.07 37.67 11.10
CA ASN G 25 -5.99 37.51 12.07
C ASN G 25 -6.25 36.57 13.23
N GLN G 26 -7.49 36.47 13.72
CA GLN G 26 -7.78 35.65 14.90
C GLN G 26 -7.69 34.12 14.62
N PRO G 27 -7.36 33.30 15.65
CA PRO G 27 -7.30 31.83 15.40
C PRO G 27 -8.61 31.20 14.83
N ASP G 28 -8.49 30.13 14.07
CA ASP G 28 -9.67 29.34 13.66
C ASP G 28 -10.33 28.65 14.84
N SER G 29 -10.93 29.42 15.75
CA SER G 29 -11.50 28.72 16.86
C SER G 29 -12.99 28.46 16.59
N PHE G 30 -13.55 27.41 17.19
CA PHE G 30 -14.98 27.22 17.15
C PHE G 30 -15.67 28.55 17.46
N ALA G 31 -15.40 29.21 18.61
CA ALA G 31 -16.05 30.49 19.03
C ALA G 31 -16.03 31.57 17.90
N ALA G 32 -14.86 31.82 17.37
CA ALA G 32 -14.65 32.90 16.37
C ALA G 32 -15.33 32.58 15.02
N LEU G 33 -15.16 31.35 14.52
CA LEU G 33 -15.78 30.91 13.22
C LEU G 33 -17.30 30.98 13.33
N LEU G 34 -17.91 30.45 14.41
CA LEU G 34 -19.38 30.43 14.56
C LEU G 34 -19.99 31.77 14.84
N SER G 35 -19.31 32.58 15.67
CA SER G 35 -19.69 34.02 15.77
C SER G 35 -19.71 34.81 14.45
N SER G 36 -18.75 34.60 13.53
CA SER G 36 -18.72 35.28 12.23
C SER G 36 -19.77 34.71 11.30
N LEU G 37 -19.95 33.40 11.27
CA LEU G 37 -21.10 32.78 10.52
C LEU G 37 -22.45 33.34 10.97
N ASN G 38 -22.71 33.42 12.30
CA ASN G 38 -23.91 34.02 12.83
C ASN G 38 -24.06 35.54 12.37
N GLU G 39 -22.98 36.32 12.49
CA GLU G 39 -22.98 37.70 12.07
C GLU G 39 -23.28 37.71 10.56
N LEU G 40 -22.63 36.86 9.77
CA LEU G 40 -22.97 36.75 8.35
C LEU G 40 -24.45 36.47 8.11
N GLY G 41 -25.02 35.51 8.87
CA GLY G 41 -26.39 35.15 8.62
C GLY G 41 -27.32 36.27 9.02
N GLU G 42 -26.97 37.05 10.04
CA GLU G 42 -27.75 38.30 10.37
C GLU G 42 -27.81 39.28 9.17
N ARG G 43 -26.66 39.49 8.55
CA ARG G 43 -26.51 40.47 7.47
C ARG G 43 -27.16 39.97 6.19
N GLN G 44 -26.99 38.69 5.84
CA GLN G 44 -27.65 38.16 4.61
C GLN G 44 -29.14 38.14 4.79
N LEU G 45 -29.59 38.12 6.06
CA LEU G 45 -31.02 38.10 6.32
C LEU G 45 -31.71 39.40 5.91
N VAL G 46 -31.07 40.54 6.17
CA VAL G 46 -31.56 41.81 5.66
C VAL G 46 -31.70 41.74 4.12
N HIS G 47 -30.71 41.18 3.44
CA HIS G 47 -30.81 40.98 1.99
C HIS G 47 -31.95 40.06 1.59
N VAL G 48 -32.20 39.01 2.37
CA VAL G 48 -33.22 37.98 1.97
C VAL G 48 -34.61 38.70 2.03
N VAL G 49 -34.85 39.49 3.08
CA VAL G 49 -36.07 40.23 3.24
C VAL G 49 -36.28 41.27 2.13
N LYS G 50 -35.25 42.03 1.79
CA LYS G 50 -35.40 42.99 0.69
C LYS G 50 -35.71 42.26 -0.67
N TRP G 51 -34.98 41.16 -0.93
CA TRP G 51 -35.20 40.29 -2.09
C TRP G 51 -36.64 39.73 -2.14
N ALA G 52 -37.06 39.11 -1.02
CA ALA G 52 -38.41 38.47 -0.96
C ALA G 52 -39.50 39.50 -1.25
N LYS G 53 -39.38 40.71 -0.67
CA LYS G 53 -40.30 41.76 -0.87
C LYS G 53 -40.40 42.18 -2.36
N ALA G 54 -39.31 42.08 -3.13
CA ALA G 54 -39.29 42.57 -4.53
C ALA G 54 -39.55 41.37 -5.42
N LEU G 55 -39.62 40.13 -4.87
CA LEU G 55 -40.02 39.01 -5.72
C LEU G 55 -41.50 39.03 -6.18
N PRO G 56 -41.78 38.91 -7.51
CA PRO G 56 -43.16 39.06 -8.00
C PRO G 56 -44.09 38.10 -7.36
N GLY G 57 -45.21 38.65 -6.95
CA GLY G 57 -46.26 37.96 -6.26
C GLY G 57 -46.07 37.88 -4.77
N PHE G 58 -44.85 38.01 -4.28
CA PHE G 58 -44.67 37.68 -2.90
C PHE G 58 -45.48 38.55 -1.96
N ARG G 59 -45.68 39.82 -2.35
CA ARG G 59 -46.39 40.75 -1.50
C ARG G 59 -47.93 40.51 -1.55
N ASN G 60 -48.42 39.62 -2.39
CA ASN G 60 -49.87 39.32 -2.33
C ASN G 60 -50.17 38.38 -1.13
N LEU G 61 -49.15 37.72 -0.52
CA LEU G 61 -49.43 36.83 0.63
C LEU G 61 -49.81 37.69 1.80
N HIS G 62 -50.72 37.15 2.60
CA HIS G 62 -51.07 37.74 3.85
C HIS G 62 -49.77 38.12 4.56
N VAL G 63 -49.75 39.29 5.16
CA VAL G 63 -48.60 39.72 5.97
C VAL G 63 -47.97 38.62 6.87
N ASP G 64 -48.82 37.84 7.56
CA ASP G 64 -48.35 36.84 8.49
C ASP G 64 -47.63 35.72 7.82
N ASP G 65 -48.14 35.36 6.63
CA ASP G 65 -47.51 34.38 5.77
C ASP G 65 -46.15 34.83 5.22
N GLN G 66 -46.01 36.11 4.93
CA GLN G 66 -44.74 36.64 4.38
C GLN G 66 -43.65 36.42 5.47
N MET G 67 -44.02 36.70 6.72
CA MET G 67 -43.16 36.43 7.87
C MET G 67 -42.86 34.95 8.03
N ALA G 68 -43.90 34.11 8.06
CA ALA G 68 -43.69 32.67 8.21
C ALA G 68 -42.79 32.18 7.11
N VAL G 69 -43.06 32.49 5.85
CA VAL G 69 -42.21 31.89 4.86
C VAL G 69 -40.73 32.36 4.97
N ILE G 70 -40.44 33.57 5.37
CA ILE G 70 -39.02 33.97 5.45
C ILE G 70 -38.35 33.21 6.62
N GLN G 71 -39.11 33.09 7.75
CA GLN G 71 -38.58 32.51 8.96
C GLN G 71 -38.30 31.05 8.75
N TYR G 72 -39.05 30.34 7.89
CA TYR G 72 -38.87 28.89 7.76
C TYR G 72 -37.82 28.50 6.70
N SER G 73 -37.61 29.42 5.73
CA SER G 73 -36.96 29.07 4.54
C SER G 73 -35.60 29.77 4.40
N TRP G 74 -35.21 30.64 5.30
CA TRP G 74 -33.89 31.37 5.08
C TRP G 74 -32.63 30.36 5.07
N MET G 75 -32.69 29.27 5.84
CA MET G 75 -31.56 28.35 5.92
C MET G 75 -31.36 27.65 4.60
N GLY G 76 -32.42 27.08 4.07
CA GLY G 76 -32.27 26.54 2.74
C GLY G 76 -31.78 27.53 1.62
N LEU G 77 -32.39 28.73 1.56
CA LEU G 77 -31.99 29.79 0.63
C LEU G 77 -30.54 30.18 0.76
N MET G 78 -30.10 30.47 1.97
CA MET G 78 -28.67 30.87 2.18
C MET G 78 -27.65 29.73 1.88
N VAL G 79 -28.07 28.50 2.08
CA VAL G 79 -27.15 27.34 1.82
C VAL G 79 -27.06 27.16 0.34
N PHE G 80 -28.21 27.29 -0.35
CA PHE G 80 -28.25 27.16 -1.77
C PHE G 80 -27.39 28.21 -2.50
N ALA G 81 -27.60 29.47 -2.10
CA ALA G 81 -26.80 30.57 -2.63
C ALA G 81 -25.26 30.41 -2.44
N MET G 82 -24.90 30.00 -1.25
CA MET G 82 -23.50 29.79 -0.86
C MET G 82 -22.95 28.67 -1.71
N GLY G 83 -23.72 27.61 -2.00
CA GLY G 83 -23.08 26.57 -2.72
C GLY G 83 -22.81 27.17 -4.16
N TRP G 84 -23.71 28.01 -4.68
CA TRP G 84 -23.49 28.57 -6.08
C TRP G 84 -22.29 29.48 -6.14
N ARG G 85 -22.13 30.36 -5.16
CA ARG G 85 -20.99 31.23 -5.03
C ARG G 85 -19.70 30.39 -4.83
N SER G 86 -19.80 29.24 -4.13
CA SER G 86 -18.59 28.37 -3.94
C SER G 86 -18.19 27.81 -5.26
N PHE G 87 -19.19 27.45 -6.04
CA PHE G 87 -18.92 26.97 -7.39
C PHE G 87 -18.31 28.05 -8.33
N THR G 88 -18.86 29.28 -8.43
CA THR G 88 -18.41 30.27 -9.50
C THR G 88 -17.10 30.87 -9.09
N ASN G 89 -16.91 31.06 -7.78
CA ASN G 89 -15.72 31.80 -7.34
C ASN G 89 -14.56 30.78 -6.99
N VAL G 90 -14.82 29.56 -6.51
CA VAL G 90 -13.65 28.69 -6.19
C VAL G 90 -13.76 27.27 -6.71
N ASN G 91 -14.67 27.04 -7.65
CA ASN G 91 -14.88 25.77 -8.23
C ASN G 91 -15.20 24.72 -7.11
N SER G 92 -15.99 25.08 -6.11
CA SER G 92 -16.41 24.17 -5.05
C SER G 92 -15.21 23.61 -4.21
N ARG G 93 -14.01 24.19 -4.31
CA ARG G 93 -12.87 23.65 -3.60
C ARG G 93 -13.07 24.03 -2.13
N MET G 94 -13.81 25.06 -1.84
CA MET G 94 -13.92 25.56 -0.46
C MET G 94 -15.33 26.03 -0.29
N LEU G 95 -15.75 26.24 0.95
CA LEU G 95 -17.08 26.79 1.18
C LEU G 95 -16.98 28.32 1.25
N TYR G 96 -17.46 28.95 0.17
CA TYR G 96 -17.20 30.38 0.01
C TYR G 96 -18.36 31.12 0.70
N PHE G 97 -18.38 31.10 2.04
CA PHE G 97 -19.44 31.76 2.76
C PHE G 97 -19.53 33.27 2.52
N ALA G 98 -18.40 33.96 2.57
CA ALA G 98 -18.27 35.38 2.24
C ALA G 98 -16.85 35.52 1.80
N PRO G 99 -16.50 36.68 1.14
CA PRO G 99 -15.11 36.84 0.72
C PRO G 99 -14.11 36.87 1.85
N ASP G 100 -14.46 37.39 2.99
CA ASP G 100 -13.60 37.37 4.17
C ASP G 100 -13.82 36.13 5.15
N LEU G 101 -14.46 35.07 4.66
CA LEU G 101 -14.88 33.92 5.51
C LEU G 101 -15.06 32.65 4.62
N VAL G 102 -13.95 32.09 4.24
CA VAL G 102 -13.89 31.00 3.24
C VAL G 102 -13.35 29.80 4.03
N PHE G 103 -14.09 28.68 4.06
CA PHE G 103 -13.72 27.51 4.86
C PHE G 103 -13.07 26.47 3.96
N ASN G 104 -11.77 26.18 4.21
CA ASN G 104 -10.91 25.00 3.82
C ASN G 104 -11.20 23.84 4.81
N GLU G 105 -10.59 22.63 4.67
CA GLU G 105 -10.96 21.50 5.51
C GLU G 105 -10.64 21.78 6.98
N TYR G 106 -9.64 22.62 7.25
CA TYR G 106 -9.23 22.94 8.62
C TYR G 106 -10.36 23.59 9.37
N ARG G 107 -11.00 24.51 8.65
CA ARG G 107 -12.07 25.32 9.22
C ARG G 107 -13.33 24.53 9.33
N MET G 108 -13.54 23.63 8.39
CA MET G 108 -14.71 22.82 8.47
C MET G 108 -14.62 21.89 9.73
N HIS G 109 -13.38 21.49 10.11
CA HIS G 109 -13.18 20.60 11.21
C HIS G 109 -13.37 21.43 12.49
N LYS G 110 -12.65 22.54 12.59
CA LYS G 110 -12.78 23.45 13.73
C LYS G 110 -14.18 23.95 14.02
N SER G 111 -15.06 23.99 13.01
CA SER G 111 -16.44 24.50 13.19
C SER G 111 -17.40 23.46 13.82
N ARG G 112 -16.85 22.24 14.00
CA ARG G 112 -17.56 21.12 14.63
C ARG G 112 -18.77 20.75 13.79
N MET G 113 -18.75 21.10 12.53
CA MET G 113 -19.81 20.61 11.68
C MET G 113 -19.20 20.15 10.39
N TYR G 114 -18.07 19.44 10.48
CA TYR G 114 -17.41 18.85 9.32
C TYR G 114 -18.37 18.10 8.41
N SER G 115 -19.19 17.21 8.96
CA SER G 115 -20.01 16.41 8.03
C SER G 115 -21.20 17.22 7.30
N GLN G 116 -21.82 18.17 7.97
CA GLN G 116 -22.73 19.08 7.30
C GLN G 116 -21.96 19.90 6.22
N CYS G 117 -20.74 20.40 6.54
CA CYS G 117 -19.79 21.06 5.55
C CYS G 117 -19.50 20.21 4.31
N VAL G 118 -19.19 18.90 4.51
CA VAL G 118 -19.04 17.94 3.40
C VAL G 118 -20.31 17.93 2.53
N ARG G 119 -21.47 17.83 3.21
CA ARG G 119 -22.69 17.78 2.47
C ARG G 119 -22.92 19.16 1.61
N MET G 120 -22.60 20.32 2.18
CA MET G 120 -22.61 21.61 1.46
C MET G 120 -21.65 21.56 0.26
N ARG G 121 -20.43 21.07 0.46
CA ARG G 121 -19.43 21.03 -0.63
C ARG G 121 -19.95 20.20 -1.73
N HIS G 122 -20.66 19.12 -1.40
CA HIS G 122 -21.16 18.21 -2.46
C HIS G 122 -22.32 18.87 -3.18
N LEU G 123 -23.21 19.51 -2.48
CA LEU G 123 -24.23 20.31 -3.18
C LEU G 123 -23.61 21.35 -4.19
N SER G 124 -22.65 22.15 -3.71
CA SER G 124 -21.79 22.89 -4.54
C SER G 124 -21.21 22.25 -5.81
N GLN G 125 -20.51 21.12 -5.68
CA GLN G 125 -20.05 20.35 -6.82
C GLN G 125 -21.13 19.98 -7.76
N GLU G 126 -22.36 19.77 -7.29
CA GLU G 126 -23.42 19.45 -8.23
C GLU G 126 -23.71 20.55 -9.32
N PHE G 127 -23.38 21.80 -8.99
CA PHE G 127 -23.65 22.92 -9.94
C PHE G 127 -22.74 22.69 -11.23
N GLY G 128 -21.52 22.21 -10.98
CA GLY G 128 -20.56 21.78 -12.02
C GLY G 128 -21.02 20.42 -12.63
N TRP G 129 -21.21 19.40 -11.81
CA TRP G 129 -21.70 18.11 -12.41
C TRP G 129 -22.99 18.24 -13.25
N LEU G 130 -24.00 19.00 -12.81
CA LEU G 130 -25.27 19.10 -13.58
C LEU G 130 -25.20 20.26 -14.60
N GLN G 131 -24.08 21.01 -14.59
CA GLN G 131 -23.88 22.17 -15.53
C GLN G 131 -25.02 23.09 -15.35
N ILE G 132 -25.35 23.45 -14.12
CA ILE G 132 -26.49 24.31 -13.81
C ILE G 132 -26.13 25.66 -14.39
N THR G 133 -27.08 26.33 -15.05
CA THR G 133 -26.79 27.67 -15.70
C THR G 133 -27.12 28.78 -14.69
N PRO G 134 -26.54 29.98 -14.92
CA PRO G 134 -26.85 31.07 -13.97
C PRO G 134 -28.39 31.36 -13.98
N GLN G 135 -29.04 31.21 -15.14
CA GLN G 135 -30.49 31.50 -15.24
C GLN G 135 -31.30 30.41 -14.40
N GLU G 136 -30.85 29.14 -14.52
CA GLU G 136 -31.53 27.98 -13.78
C GLU G 136 -31.26 28.25 -12.33
N PHE G 137 -30.09 28.76 -11.96
CA PHE G 137 -29.81 28.99 -10.53
C PHE G 137 -30.76 30.03 -9.94
N LEU G 138 -30.98 31.12 -10.64
CA LEU G 138 -31.99 32.10 -10.14
C LEU G 138 -33.48 31.63 -10.00
N CYS G 139 -33.97 30.87 -10.99
CA CYS G 139 -35.33 30.45 -10.82
C CYS G 139 -35.39 29.33 -9.70
N MET G 140 -34.35 28.48 -9.57
CA MET G 140 -34.37 27.44 -8.52
C MET G 140 -34.38 28.10 -7.11
N LYS G 141 -33.57 29.14 -6.95
CA LYS G 141 -33.45 29.83 -5.66
C LYS G 141 -34.79 30.47 -5.20
N ALA G 142 -35.45 31.19 -6.11
CA ALA G 142 -36.81 31.63 -5.88
C ALA G 142 -37.70 30.46 -5.42
N LEU G 143 -37.70 29.30 -6.11
CA LEU G 143 -38.44 28.15 -5.60
C LEU G 143 -38.17 27.75 -4.17
N LEU G 144 -36.91 27.80 -3.73
CA LEU G 144 -36.61 27.53 -2.30
C LEU G 144 -37.34 28.38 -1.30
N LEU G 145 -37.72 29.59 -1.65
CA LEU G 145 -38.42 30.41 -0.71
C LEU G 145 -39.81 29.74 -0.52
N PHE G 146 -40.28 28.92 -1.48
CA PHE G 146 -41.67 28.35 -1.37
C PHE G 146 -41.67 26.90 -1.12
N SER G 147 -40.78 26.42 -0.24
CA SER G 147 -40.58 25.00 -0.17
C SER G 147 -40.62 24.54 1.29
N ILE G 148 -41.21 25.29 2.22
CA ILE G 148 -41.27 24.77 3.60
C ILE G 148 -42.35 25.56 4.32
N ILE G 149 -43.38 24.84 4.82
CA ILE G 149 -44.60 25.52 5.39
C ILE G 149 -45.24 24.74 6.55
N PRO G 150 -46.12 25.36 7.36
CA PRO G 150 -46.82 24.54 8.45
C PRO G 150 -47.66 23.42 7.84
N VAL G 151 -47.61 22.21 8.36
CA VAL G 151 -48.55 21.17 7.85
C VAL G 151 -50.05 21.47 8.04
N ASP G 152 -50.41 22.35 8.98
CA ASP G 152 -51.74 22.95 9.07
C ASP G 152 -52.03 24.05 7.99
N GLY G 153 -51.04 24.43 7.15
CA GLY G 153 -51.26 25.50 6.18
C GLY G 153 -51.02 26.93 6.68
N LEU G 154 -50.77 27.86 5.74
CA LEU G 154 -50.66 29.28 5.99
C LEU G 154 -52.05 29.93 6.03
N LYS G 155 -52.16 31.21 6.42
CA LYS G 155 -53.43 31.98 6.33
C LYS G 155 -54.09 31.87 4.97
N ASN G 156 -53.38 32.26 3.94
CA ASN G 156 -53.84 31.99 2.61
C ASN G 156 -53.00 30.96 1.88
N GLN G 157 -53.28 29.70 2.23
CA GLN G 157 -52.67 28.52 1.63
C GLN G 157 -52.88 28.46 0.12
N LYS G 158 -54.08 28.85 -0.35
CA LYS G 158 -54.38 28.83 -1.80
C LYS G 158 -53.47 29.81 -2.57
N PHE G 159 -53.37 31.03 -2.09
CA PHE G 159 -52.46 31.87 -2.72
C PHE G 159 -50.97 31.37 -2.77
N PHE G 160 -50.45 30.92 -1.64
CA PHE G 160 -49.13 30.36 -1.62
C PHE G 160 -48.95 29.28 -2.70
N ASP G 161 -49.96 28.41 -2.86
CA ASP G 161 -49.93 27.31 -3.84
C ASP G 161 -49.84 27.86 -5.27
N GLU G 162 -50.62 28.90 -5.57
CA GLU G 162 -50.58 29.57 -6.96
C GLU G 162 -49.18 30.14 -7.17
N LEU G 163 -48.63 30.77 -6.16
CA LEU G 163 -47.32 31.42 -6.30
C LEU G 163 -46.20 30.41 -6.56
N ARG G 164 -46.18 29.30 -5.78
CA ARG G 164 -45.27 28.18 -6.00
C ARG G 164 -45.38 27.58 -7.47
N MET G 165 -46.59 27.22 -7.92
CA MET G 165 -46.82 26.76 -9.29
C MET G 165 -46.25 27.75 -10.37
N ASN G 166 -46.42 29.05 -10.12
CA ASN G 166 -45.90 30.14 -11.00
C ASN G 166 -44.34 30.11 -11.12
N TYR G 167 -43.65 29.83 -10.00
CA TYR G 167 -42.19 29.68 -10.04
C TYR G 167 -41.73 28.34 -10.63
N ILE G 168 -42.57 27.31 -10.48
CA ILE G 168 -42.28 26.04 -11.15
C ILE G 168 -42.39 26.27 -12.69
N LYS G 169 -43.43 27.01 -13.10
CA LYS G 169 -43.69 27.26 -14.51
C LYS G 169 -42.59 28.19 -15.05
N GLU G 170 -42.08 29.05 -14.19
CA GLU G 170 -40.93 29.90 -14.64
C GLU G 170 -39.64 29.08 -14.83
N LEU G 171 -39.33 28.19 -13.85
CA LEU G 171 -38.17 27.34 -14.05
C LEU G 171 -38.34 26.47 -15.33
N ASP G 172 -39.57 26.00 -15.55
CA ASP G 172 -39.82 25.31 -16.76
C ASP G 172 -39.54 26.10 -18.09
N ARG G 173 -39.88 27.40 -18.12
CA ARG G 173 -39.63 28.23 -19.32
C ARG G 173 -38.09 28.44 -19.50
N ILE G 174 -37.34 28.53 -18.40
CA ILE G 174 -35.90 28.67 -18.56
C ILE G 174 -35.29 27.37 -19.12
N ILE G 175 -35.89 26.20 -18.72
CA ILE G 175 -35.44 24.90 -19.16
C ILE G 175 -35.70 24.76 -20.69
N ALA G 176 -36.88 25.22 -21.16
CA ALA G 176 -37.46 24.92 -22.50
C ALA G 176 -36.79 25.71 -23.66
N CYS G 177 -36.21 26.82 -23.25
CA CYS G 177 -35.40 27.69 -24.04
C CYS G 177 -34.38 26.95 -24.83
N LYS G 178 -33.64 26.14 -24.11
CA LYS G 178 -32.40 25.58 -24.58
C LYS G 178 -32.68 24.14 -25.10
N ARG G 179 -33.97 23.82 -25.42
CA ARG G 179 -34.37 22.38 -25.61
C ARG G 179 -35.39 22.11 -26.66
N LYS G 180 -35.06 21.25 -27.61
CA LYS G 180 -35.90 21.05 -28.79
C LYS G 180 -36.71 19.73 -28.75
N ASN G 181 -36.19 18.79 -27.97
CA ASN G 181 -36.81 17.50 -27.83
C ASN G 181 -37.95 17.57 -26.75
N PRO G 182 -39.22 17.37 -27.17
CA PRO G 182 -40.36 17.40 -26.22
C PRO G 182 -40.15 16.74 -24.83
N THR G 183 -39.37 15.65 -24.72
CA THR G 183 -39.16 14.90 -23.45
C THR G 183 -38.01 15.39 -22.57
N SER G 184 -37.05 16.05 -23.19
CA SER G 184 -35.84 16.42 -22.45
C SER G 184 -36.06 17.51 -21.38
N CYS G 185 -37.10 18.39 -21.52
CA CYS G 185 -37.54 19.32 -20.43
C CYS G 185 -37.92 18.67 -19.10
N SER G 186 -38.81 17.65 -19.12
CA SER G 186 -39.12 16.95 -17.93
C SER G 186 -37.88 16.30 -17.28
N ARG G 187 -36.93 15.79 -18.07
CA ARG G 187 -35.79 15.04 -17.44
C ARG G 187 -34.83 16.07 -16.77
N ARG G 188 -34.66 17.22 -17.45
CA ARG G 188 -33.90 18.33 -16.82
C ARG G 188 -34.58 18.78 -15.50
N PHE G 189 -35.90 18.92 -15.53
CA PHE G 189 -36.63 19.48 -14.37
C PHE G 189 -36.47 18.47 -13.27
N TYR G 190 -36.57 17.20 -13.67
CA TYR G 190 -36.34 16.15 -12.74
C TYR G 190 -34.92 16.24 -12.01
N GLN G 191 -33.83 16.31 -12.78
CA GLN G 191 -32.43 16.56 -12.17
C GLN G 191 -32.36 17.79 -11.31
N LEU G 192 -33.05 18.85 -11.70
CA LEU G 192 -33.03 20.09 -10.92
C LEU G 192 -33.80 20.07 -9.62
N THR G 193 -34.97 19.39 -9.62
CA THR G 193 -35.78 19.32 -8.38
C THR G 193 -35.26 18.29 -7.42
N LYS G 194 -34.52 17.33 -7.95
CA LYS G 194 -33.82 16.35 -7.06
C LYS G 194 -32.74 17.19 -6.38
N LEU G 195 -31.98 18.05 -7.13
CA LEU G 195 -31.05 18.95 -6.39
C LEU G 195 -31.73 19.81 -5.33
N LEU G 196 -32.89 20.36 -5.63
CA LEU G 196 -33.59 21.19 -4.63
C LEU G 196 -34.01 20.43 -3.39
N ASP G 197 -34.53 19.21 -3.61
CA ASP G 197 -34.80 18.30 -2.54
C ASP G 197 -33.63 18.01 -1.58
N SER G 198 -32.44 17.76 -2.13
CA SER G 198 -31.21 17.47 -1.36
C SER G 198 -30.81 18.64 -0.49
N VAL G 199 -31.22 19.84 -0.85
CA VAL G 199 -31.04 20.96 0.08
C VAL G 199 -31.84 20.70 1.42
N GLN G 200 -33.08 20.15 1.38
CA GLN G 200 -33.89 19.97 2.63
C GLN G 200 -33.22 19.23 3.77
N PRO G 201 -32.55 18.06 3.51
CA PRO G 201 -32.00 17.46 4.72
C PRO G 201 -30.78 18.22 5.21
N ILE G 202 -30.04 18.91 4.34
CA ILE G 202 -28.99 19.80 4.85
C ILE G 202 -29.53 20.90 5.75
N ALA G 203 -30.59 21.57 5.37
CA ALA G 203 -31.12 22.66 6.17
C ALA G 203 -31.59 22.11 7.54
N ARG G 204 -32.19 20.91 7.49
CA ARG G 204 -32.70 20.31 8.70
C ARG G 204 -31.56 19.99 9.78
N GLU G 205 -30.46 19.34 9.33
CA GLU G 205 -29.26 19.07 10.18
C GLU G 205 -28.72 20.42 10.73
N LEU G 206 -28.71 21.48 9.91
CA LEU G 206 -28.24 22.84 10.35
C LEU G 206 -29.26 23.49 11.30
N HIS G 207 -30.56 23.36 11.05
CA HIS G 207 -31.61 23.81 12.02
C HIS G 207 -31.37 23.13 13.39
N GLN G 208 -31.05 21.87 13.41
CA GLN G 208 -30.81 21.07 14.68
C GLN G 208 -29.54 21.60 15.31
N PHE G 209 -28.49 21.66 14.50
CA PHE G 209 -27.20 22.19 14.97
C PHE G 209 -27.27 23.60 15.56
N THR G 210 -27.93 24.53 14.87
CA THR G 210 -27.87 25.97 15.30
C THR G 210 -28.78 26.17 16.58
N PHE G 211 -29.88 25.44 16.65
CA PHE G 211 -30.71 25.44 17.84
C PHE G 211 -29.97 24.95 19.10
N ASP G 212 -29.31 23.79 18.99
CA ASP G 212 -28.50 23.18 20.08
C ASP G 212 -27.35 24.15 20.39
N LEU G 213 -26.67 24.71 19.35
CA LEU G 213 -25.68 25.82 19.63
C LEU G 213 -26.27 27.03 20.31
N LEU G 214 -27.44 27.50 19.91
CA LEU G 214 -27.95 28.74 20.54
C LEU G 214 -28.20 28.55 22.07
N ILE G 215 -28.76 27.40 22.43
CA ILE G 215 -29.20 27.20 23.80
C ILE G 215 -27.99 27.04 24.73
N LYS G 216 -26.82 26.73 24.17
CA LYS G 216 -25.58 26.64 24.94
C LYS G 216 -24.46 27.68 24.60
N SER G 217 -24.83 28.67 23.81
CA SER G 217 -23.88 29.62 23.14
C SER G 217 -23.03 30.45 24.09
N HIS G 218 -23.64 30.79 25.21
CA HIS G 218 -22.93 31.36 26.38
C HIS G 218 -21.81 30.51 26.98
N MET G 219 -22.00 29.19 27.00
CA MET G 219 -21.00 28.24 27.56
C MET G 219 -19.79 28.15 26.63
N VAL G 220 -19.97 28.55 25.36
CA VAL G 220 -18.89 28.35 24.36
C VAL G 220 -18.37 29.64 23.70
N SER G 221 -18.71 30.82 24.23
CA SER G 221 -18.24 32.04 23.63
C SER G 221 -18.78 32.29 22.18
N VAL G 222 -19.95 31.78 21.82
CA VAL G 222 -20.42 32.01 20.47
C VAL G 222 -21.50 33.09 20.56
N ASP G 223 -21.38 34.15 19.78
CA ASP G 223 -22.37 35.23 19.85
C ASP G 223 -23.45 35.02 18.80
N PHE G 224 -24.71 35.25 19.18
CA PHE G 224 -25.79 35.25 18.21
C PHE G 224 -26.37 36.68 18.19
N PRO G 225 -26.41 37.36 17.00
CA PRO G 225 -27.19 38.65 16.89
C PRO G 225 -28.67 38.45 17.15
N GLU G 226 -29.37 39.55 17.45
CA GLU G 226 -30.71 39.58 18.01
C GLU G 226 -31.72 38.97 17.11
N MET G 227 -31.75 39.40 15.84
CA MET G 227 -32.66 38.85 14.84
C MET G 227 -32.52 37.33 14.67
N MET G 228 -31.29 36.85 14.47
CA MET G 228 -30.97 35.40 14.40
C MET G 228 -31.43 34.71 15.70
N ALA G 229 -31.11 35.31 16.85
CA ALA G 229 -31.53 34.73 18.17
C ALA G 229 -33.02 34.52 18.28
N GLU G 230 -33.80 35.55 17.86
CA GLU G 230 -35.28 35.54 17.97
C GLU G 230 -35.81 34.41 17.11
N ILE G 231 -35.46 34.46 15.81
CA ILE G 231 -35.92 33.47 14.89
C ILE G 231 -35.51 32.02 15.29
N ILE G 232 -34.29 31.81 15.72
CA ILE G 232 -33.87 30.44 15.98
C ILE G 232 -34.54 29.86 17.24
N SER G 233 -34.67 30.68 18.29
CA SER G 233 -35.28 30.29 19.56
C SER G 233 -36.78 29.94 19.41
N VAL G 234 -37.53 30.70 18.62
CA VAL G 234 -39.00 30.52 18.53
C VAL G 234 -39.37 29.65 17.32
N GLN G 235 -38.76 29.91 16.15
CA GLN G 235 -39.24 29.27 14.92
C GLN G 235 -38.67 27.91 14.63
N VAL G 236 -37.39 27.68 15.00
CA VAL G 236 -36.70 26.46 14.69
C VAL G 236 -37.23 25.25 15.49
N PRO G 237 -37.70 25.48 16.74
CA PRO G 237 -38.40 24.32 17.40
C PRO G 237 -39.63 23.80 16.65
N LYS G 238 -40.33 24.67 15.95
CA LYS G 238 -41.50 24.19 15.23
C LYS G 238 -41.13 23.32 14.00
N ILE G 239 -39.99 23.59 13.35
CA ILE G 239 -39.41 22.70 12.28
C ILE G 239 -38.96 21.35 12.93
N LEU G 240 -38.18 21.43 14.01
CA LEU G 240 -37.67 20.20 14.70
C LEU G 240 -38.80 19.28 15.17
N SER G 241 -39.93 19.83 15.66
CA SER G 241 -41.08 19.01 16.03
C SER G 241 -42.00 18.62 14.83
N GLY G 242 -41.71 19.12 13.63
CA GLY G 242 -42.51 18.71 12.47
C GLY G 242 -43.91 19.34 12.42
N LYS G 243 -44.10 20.43 13.18
CA LYS G 243 -45.19 21.37 12.99
C LYS G 243 -44.98 22.06 11.59
N VAL G 244 -43.73 22.14 11.11
CA VAL G 244 -43.34 22.80 9.80
C VAL G 244 -42.49 21.79 9.06
N LYS G 245 -42.89 21.48 7.83
CA LYS G 245 -42.19 20.44 7.07
C LYS G 245 -41.82 20.96 5.67
N PRO G 246 -40.74 20.46 5.08
CA PRO G 246 -40.46 20.88 3.67
C PRO G 246 -41.49 20.27 2.72
N ILE G 247 -41.77 20.90 1.55
CA ILE G 247 -42.53 20.30 0.52
C ILE G 247 -41.49 19.67 -0.43
N TYR G 248 -41.55 18.37 -0.65
CA TYR G 248 -40.62 17.64 -1.49
C TYR G 248 -41.17 17.51 -2.89
N PHE G 249 -40.31 17.69 -3.90
CA PHE G 249 -40.73 17.38 -5.24
C PHE G 249 -40.88 15.85 -5.53
N HIS G 250 -40.07 15.03 -4.85
CA HIS G 250 -39.94 13.55 -5.13
C HIS G 250 -39.86 12.76 -3.82
N FME H 1 -41.53 21.02 -26.55
CN FME H 1 -40.19 21.04 -26.77
O1 FME H 1 -39.16 20.99 -26.04
CA FME H 1 -42.53 20.93 -25.37
CB FME H 1 -42.20 20.43 -23.95
CG FME H 1 -43.11 20.81 -22.75
SD FME H 1 -42.27 21.53 -21.36
CE FME H 1 -41.07 22.72 -21.79
C FME H 1 -43.45 22.11 -25.21
O FME H 1 -44.64 21.95 -25.35
N SER H 2 -42.90 23.26 -24.82
CA SER H 2 -43.49 24.60 -25.14
C SER H 2 -42.40 25.40 -25.96
N ASP H 3 -42.82 26.27 -26.88
CA ASP H 3 -41.90 26.81 -27.94
C ASP H 3 -41.51 28.29 -27.80
N SER I 1 16.83 -55.00 4.04
CA SER I 1 17.10 -55.20 5.50
C SER I 1 18.28 -54.37 6.01
N LEU I 2 17.95 -53.57 7.05
CA LEU I 2 18.91 -52.87 7.88
C LEU I 2 19.96 -53.84 8.37
N GLN I 3 19.49 -54.88 9.07
CA GLN I 3 20.36 -55.83 9.70
C GLN I 3 21.45 -56.42 8.77
N PHE I 4 21.10 -56.85 7.54
CA PHE I 4 22.12 -57.31 6.56
C PHE I 4 23.23 -56.27 6.18
N LEU I 5 22.86 -55.00 6.14
CA LEU I 5 23.81 -53.92 5.80
C LEU I 5 24.78 -53.66 6.97
N LEU I 6 24.22 -53.58 8.19
CA LEU I 6 25.01 -53.46 9.40
C LEU I 6 26.09 -54.56 9.42
N ASP I 7 25.71 -55.79 9.03
CA ASP I 7 26.63 -56.81 8.47
C ASP I 7 26.87 -56.45 6.97
N SER J 1 15.54 31.96 -2.20
CA SER J 1 15.29 32.16 -0.74
C SER J 1 14.05 31.35 -0.34
N LEU J 2 14.20 30.59 0.76
CA LEU J 2 13.08 29.92 1.46
C LEU J 2 11.91 30.90 1.69
N GLN J 3 12.29 32.12 2.11
CA GLN J 3 11.38 33.23 2.30
C GLN J 3 10.61 33.50 1.02
N PHE J 4 11.33 33.72 -0.09
CA PHE J 4 10.67 33.97 -1.36
C PHE J 4 9.64 32.88 -1.65
N LEU J 5 10.11 31.63 -1.60
CA LEU J 5 9.24 30.49 -1.82
C LEU J 5 8.01 30.51 -0.95
N LEU J 6 8.19 30.68 0.36
CA LEU J 6 7.07 30.71 1.30
C LEU J 6 6.04 31.89 1.05
N ASP J 7 6.51 33.02 0.53
CA ASP J 7 5.66 34.17 -0.04
C ASP J 7 4.75 33.96 -1.28
N THR J 8 5.40 33.67 -2.42
CA THR J 8 4.84 33.44 -3.77
C THR J 8 3.85 32.26 -3.85
N SER K 1 12.88 -11.54 -30.98
CA SER K 1 13.04 -13.02 -30.80
C SER K 1 12.72 -13.47 -29.35
N LEU K 2 11.41 -13.61 -29.11
CA LEU K 2 10.88 -14.09 -27.85
C LEU K 2 11.44 -15.45 -27.43
N GLN K 3 11.73 -16.35 -28.38
CA GLN K 3 12.34 -17.66 -27.97
C GLN K 3 13.70 -17.49 -27.25
N PHE K 4 14.60 -16.70 -27.85
CA PHE K 4 15.93 -16.35 -27.30
C PHE K 4 15.87 -15.98 -25.81
N LEU K 5 14.90 -15.15 -25.43
CA LEU K 5 14.77 -14.71 -24.05
C LEU K 5 14.29 -15.83 -23.13
N LEU K 6 13.23 -16.50 -23.55
CA LEU K 6 12.60 -17.54 -22.75
C LEU K 6 13.64 -18.64 -22.44
N ASP K 7 14.51 -18.88 -23.43
CA ASP K 7 15.65 -19.83 -23.29
C ASP K 7 16.92 -19.32 -22.56
N THR K 8 17.58 -18.22 -23.00
CA THR K 8 18.76 -17.67 -22.25
C THR K 8 18.57 -16.36 -21.41
N SER L 1 -36.95 39.73 14.84
CA SER L 1 -37.79 40.98 14.79
C SER L 1 -37.08 42.18 14.06
N LEU L 2 -36.90 42.21 12.73
CA LEU L 2 -37.56 41.46 11.62
C LEU L 2 -38.90 42.04 11.22
N GLN L 3 -39.81 42.21 12.17
CA GLN L 3 -41.06 42.90 11.87
C GLN L 3 -40.79 44.34 11.37
N PHE L 4 -39.87 45.08 12.03
CA PHE L 4 -39.41 46.38 11.51
C PHE L 4 -38.78 46.34 10.12
N LEU L 5 -37.84 45.44 9.87
CA LEU L 5 -37.26 45.37 8.55
C LEU L 5 -38.30 45.18 7.44
N LEU L 6 -39.22 44.24 7.61
CA LEU L 6 -40.33 44.03 6.68
C LEU L 6 -41.28 45.29 6.53
N ASP L 7 -41.16 46.25 7.45
CA ASP L 7 -41.69 47.66 7.33
C ASP L 7 -40.57 48.73 7.04
N THR L 8 -40.20 48.84 5.75
CA THR L 8 -38.95 49.44 5.12
C THR L 8 -38.37 48.29 4.23
C1 DHT M . 15.43 -37.73 2.56
C2 DHT M . 16.92 -37.26 2.59
C3 DHT M . 17.02 -35.78 2.87
O3 DHT M . 17.85 -35.07 2.26
C4 DHT M . 16.17 -35.15 3.93
C5 DHT M . 14.75 -35.59 3.74
C6 DHT M . 13.88 -34.86 4.79
C7 DHT M . 12.42 -35.27 4.66
C8 DHT M . 12.27 -36.81 4.50
C9 DHT M . 13.14 -37.47 3.41
C10 DHT M . 14.61 -37.10 3.71
C11 DHT M . 12.95 -39.02 3.28
C12 DHT M . 11.50 -39.47 3.05
C13 DHT M . 10.57 -38.71 4.03
C14 DHT M . 10.89 -37.18 4.03
C15 DHT M . 9.70 -36.43 4.63
C16 DHT M . 8.56 -37.42 4.30
C17 DHT M . 9.11 -38.69 3.57
O17 DHT M . 8.27 -39.96 3.70
C18 DHT M . 10.69 -39.38 5.44
C19 DHT M . 15.14 -37.71 5.06
ZN ZN N . 38.67 -21.79 24.71
CL CL O . 38.36 -14.88 20.23
C1 EDO P . 19.69 -43.98 -11.10
O1 EDO P . 18.33 -44.18 -10.70
C2 EDO P . 20.36 -43.02 -10.10
O2 EDO P . 20.15 -41.66 -10.52
C1 GOL Q . 27.66 -20.33 0.38
O1 GOL Q . 28.21 -19.05 0.73
C2 GOL Q . 28.29 -20.92 -0.86
O2 GOL Q . 28.86 -20.08 -1.86
C3 GOL Q . 29.53 -21.61 -0.49
O3 GOL Q . 29.22 -22.80 -1.18
S SO4 R . -1.44 -33.12 -6.72
O1 SO4 R . -1.55 -34.46 -7.31
O2 SO4 R . -0.06 -32.85 -6.26
O3 SO4 R . -2.47 -32.83 -5.68
O4 SO4 R . -1.76 -32.18 -7.75
C1 DHT S . 17.75 14.42 -0.72
C2 DHT S . 16.35 13.89 -0.95
C3 DHT S . 16.15 12.44 -0.54
O3 DHT S . 15.55 11.70 -1.26
C4 DHT S . 16.71 11.88 0.71
C5 DHT S . 18.15 12.35 0.82
C6 DHT S . 18.72 11.77 2.12
C7 DHT S . 20.20 12.15 2.22
C8 DHT S . 20.46 13.68 2.01
C9 DHT S . 19.82 14.23 0.69
C10 DHT S . 18.30 13.90 0.66
C11 DHT S . 20.01 15.76 0.49
C12 DHT S . 21.49 16.18 0.61
C13 DHT S . 22.22 15.57 1.82
C14 DHT S . 21.92 14.05 1.87
C15 DHT S . 22.87 13.42 2.88
C16 DHT S . 24.14 14.32 2.70
C17 DHT S . 23.74 15.47 1.72
O17 DHT S . 24.43 16.75 2.03
C18 DHT S . 21.73 16.27 3.13
C19 DHT S . 17.49 14.66 1.79
ZN ZN T . -10.33 1.04 17.28
CL CL U . -8.98 -6.31 13.99
C1 EDO V . 4.97 -2.91 -4.91
O1 EDO V . 4.92 -1.49 -5.28
C2 EDO V . 5.95 -3.12 -3.72
O2 EDO V . 5.71 -4.41 -3.07
C1 EDO W . 16.25 18.36 -15.94
O1 EDO W . 16.16 17.73 -14.60
C2 EDO W . 17.59 19.11 -16.02
O2 EDO W . 18.47 18.34 -15.15
C1 EDO X . -2.42 -5.88 13.12
O1 EDO X . -2.94 -5.12 12.02
C2 EDO X . -2.55 -4.91 14.31
O2 EDO X . -3.91 -4.38 14.39
S SO4 Y . 36.25 8.98 -4.90
O1 SO4 Y . 36.65 7.93 -5.78
O2 SO4 Y . 37.06 8.92 -3.69
O3 SO4 Y . 34.81 8.82 -4.63
O4 SO4 Y . 36.45 10.28 -5.46
C1 DHT Z . 3.84 -0.12 -22.62
C2 DHT Z . 4.22 -0.35 -21.16
C3 DHT Z . 3.15 0.26 -20.25
O3 DHT Z . 3.47 0.86 -19.23
C4 DHT Z . 1.68 0.17 -20.58
C5 DHT Z . 1.51 0.55 -22.07
C6 DHT Z . 0.03 0.55 -22.44
C7 DHT Z . -0.18 0.93 -23.90
C8 DHT Z . 0.79 0.21 -24.86
C9 DHT Z . 2.25 0.27 -24.45
C10 DHT Z . 2.39 -0.28 -23.00
C11 DHT Z . 3.18 -0.46 -25.43
C12 DHT Z . 3.00 -0.05 -26.88
C13 DHT Z . 1.54 0.01 -27.29
C14 DHT Z . 0.69 0.75 -26.28
C15 DHT Z . -0.69 1.01 -26.87
C16 DHT Z . -0.32 1.06 -28.38
C17 DHT Z . 1.20 0.89 -28.54
O17 DHT Z . 1.55 0.21 -29.83
C18 DHT Z . 1.17 -1.46 -27.54
C19 DHT Z . 2.00 -1.80 -22.87
ZN ZN AA . -11.97 -15.02 5.85
C1 EDO BA . 18.78 5.00 -21.83
O1 EDO BA . 17.34 4.98 -21.62
C2 EDO BA . 19.12 4.66 -23.30
O2 EDO BA . 18.00 4.95 -24.18
C1 GOL CA . 1.53 8.41 -1.81
O1 GOL CA . 2.32 9.46 -2.43
C2 GOL CA . 1.24 7.24 -2.75
O2 GOL CA . 2.29 6.24 -2.79
C3 GOL CA . -0.15 6.64 -2.53
O3 GOL CA . -1.19 7.55 -2.15
C1 PGE DA . -4.69 17.12 -32.83
O1 PGE DA . -3.72 18.20 -32.81
C2 PGE DA . -6.02 17.71 -33.33
O2 PGE DA . -7.18 16.95 -32.94
C3 PGE DA . -8.16 17.81 -32.31
C4 PGE DA . -9.47 17.14 -31.83
O4 PGE DA . -13.04 16.05 -32.73
C6 PGE DA . -12.39 17.13 -33.44
C5 PGE DA . -10.94 16.81 -33.85
O3 PGE DA . -10.11 16.25 -32.79
S SO4 EA . 0.81 15.16 -34.70
O1 SO4 EA . 1.95 14.99 -35.54
O2 SO4 EA . 0.77 14.42 -33.44
O3 SO4 EA . -0.39 14.96 -35.47
O4 SO4 EA . 0.87 16.54 -34.24
S SO4 FA . -1.46 11.22 -40.03
O1 SO4 FA . -1.96 9.84 -39.95
O2 SO4 FA . -0.24 11.37 -39.24
O3 SO4 FA . -2.50 12.14 -39.51
O4 SO4 FA . -1.16 11.52 -41.45
ZN ZN GA . -40.03 21.09 -23.74
C1 DHT HA . -24.82 32.00 6.90
C2 DHT HA . -24.87 32.42 5.43
C3 DHT HA . -24.38 31.31 4.54
O3 DHT HA . -23.66 31.57 3.64
C4 DHT HA . -24.74 29.83 4.69
C5 DHT HA . -24.53 29.52 6.20
C6 DHT HA . -24.76 28.03 6.40
C7 DHT HA . -24.64 27.66 7.90
C8 DHT HA . -25.20 28.60 8.92
C9 DHT HA . -24.89 30.12 8.65
C10 DHT HA . -25.28 30.52 7.14
C11 DHT HA . -25.46 31.09 9.69
C12 DHT HA . -25.04 30.67 11.14
C13 DHT HA . -25.37 29.18 11.39
C14 DHT HA . -24.69 28.28 10.36
C15 DHT HA . -24.69 26.83 10.96
C16 DHT HA . -24.66 27.10 12.48
C17 DHT HA . -24.72 28.63 12.68
O17 DHT HA . -25.41 29.20 13.86
C18 DHT HA . -26.91 28.97 11.39
C19 DHT HA . -26.83 30.51 6.79
CL CL IA . -27.00 42.22 17.61
C1 EDO JA . -16.17 22.43 24.85
O1 EDO JA . -17.19 23.42 24.88
C2 EDO JA . -14.93 23.21 24.45
O2 EDO JA . -15.38 24.52 24.07
C1 EDO KA . -17.67 45.73 8.57
O1 EDO KA . -17.75 44.71 9.57
C2 EDO KA . -16.32 45.44 7.94
O2 EDO KA . -16.43 44.10 7.42
C ACT LA . -56.89 28.72 2.47
O ACT LA . -56.03 28.71 3.41
OXT ACT LA . -57.30 29.80 2.00
CH3 ACT LA . -57.42 27.42 1.89
C1 EDO MA . -26.06 35.60 -12.10
O1 EDO MA . -27.34 35.83 -12.80
C2 EDO MA . -26.04 34.90 -10.69
O2 EDO MA . -24.59 34.56 -10.43
S SO4 NA . -11.27 25.39 19.66
O1 SO4 NA . -11.94 24.16 20.09
O2 SO4 NA . -9.85 25.17 19.46
O3 SO4 NA . -11.87 25.54 18.32
O4 SO4 NA . -11.47 26.49 20.58
#